data_7D5N
#
_entry.id   7D5N
#
_cell.length_a   99.810
_cell.length_b   151.530
_cell.length_c   48.120
_cell.angle_alpha   90.000
_cell.angle_beta   90.000
_cell.angle_gamma   90.000
#
_symmetry.space_group_name_H-M   'P 21 21 2'
#
loop_
_entity.id
_entity.type
_entity.pdbx_description
1 polymer Oxidoreductase
2 non-polymer '1,4-DIHYDRONICOTINAMIDE ADENINE DINUCLEOTIDE'
3 non-polymer 1,2,3,4,5,6-HEXAHYDROXY-CYCLOHEXANE
4 water water
#
_entity_poly.entity_id   1
_entity_poly.type   'polypeptide(L)'
_entity_poly.pdbx_seq_one_letter_code
;MINGSKRIAQPIRWAMVGGGRNSQIGYIHRSAALRDQSFALVAGAFDIDPGRGREFGVQLGVDPQRCYPDYRTLFEQEAR
RPDGIQAVSVATPNGTHFAITRAALEAGLHVVCEKPLCFTLEEAETLREIALANNRVVGVTYGYAGHQLIEQARAMIADG
ELGEIRMVHMQFAHGFHSAPVEGQNEATKWRVDPRLAGPSYVLGDVGTHPLYLSEVMLPEFRIKRLMCSRQSFVKSRAPL
EDNAYTLMEYEGGAMGLVWSSAVNAGSMHGQKIRVIGSRASLEWWDEHPNQLAFEIQGQPVQVLERGMGYLHPGALLDDR
IGAGHPEGLFEAWSNLYYRFAMAMDATERGDGALLAGLRYPDIHAGVEGVRWVERCVQSADRGGVWVDYLAAALEHHHHH
H
;
_entity_poly.pdbx_strand_id   A,B
#
# COMPACT_ATOMS: atom_id res chain seq x y z
N ILE A 2 7.35 4.02 -11.00
CA ILE A 2 6.43 2.94 -11.43
C ILE A 2 5.07 3.58 -11.73
N ASN A 3 4.50 3.30 -12.90
CA ASN A 3 3.23 3.94 -13.35
C ASN A 3 2.29 2.88 -13.92
N GLY A 4 2.58 1.59 -13.70
CA GLY A 4 1.73 0.46 -14.11
C GLY A 4 2.06 -0.03 -15.50
N SER A 5 3.05 0.56 -16.15
CA SER A 5 3.60 0.07 -17.43
C SER A 5 3.98 -1.39 -17.25
N LYS A 6 3.73 -2.19 -18.28
CA LYS A 6 3.90 -3.66 -18.40
C LYS A 6 5.41 -3.95 -18.38
N ARG A 7 5.89 -4.89 -17.58
CA ARG A 7 7.35 -5.21 -17.52
C ARG A 7 7.63 -6.30 -18.53
N ILE A 8 6.62 -7.13 -18.77
CA ILE A 8 6.74 -8.33 -19.64
C ILE A 8 5.57 -8.30 -20.62
N ALA A 9 5.68 -9.03 -21.73
CA ALA A 9 4.78 -8.91 -22.90
C ALA A 9 3.36 -9.31 -22.51
N GLN A 10 3.22 -10.38 -21.72
CA GLN A 10 1.90 -10.80 -21.21
C GLN A 10 2.12 -11.32 -19.79
N PRO A 11 1.07 -11.31 -18.95
CA PRO A 11 1.18 -11.82 -17.58
C PRO A 11 1.55 -13.30 -17.57
N ILE A 12 2.39 -13.70 -16.61
CA ILE A 12 2.76 -15.12 -16.36
C ILE A 12 1.48 -15.86 -15.96
N ARG A 13 1.23 -17.02 -16.56
CA ARG A 13 0.05 -17.86 -16.21
C ARG A 13 0.32 -18.52 -14.86
N TRP A 14 -0.55 -18.28 -13.89
CA TRP A 14 -0.16 -18.43 -12.47
C TRP A 14 -1.22 -19.19 -11.67
N ALA A 15 -0.77 -20.01 -10.74
CA ALA A 15 -1.59 -20.69 -9.73
C ALA A 15 -1.05 -20.41 -8.33
N MET A 16 -1.88 -20.65 -7.33
CA MET A 16 -1.43 -20.79 -5.92
C MET A 16 -1.78 -22.16 -5.40
N VAL A 17 -0.96 -22.66 -4.49
CA VAL A 17 -1.30 -23.79 -3.60
C VAL A 17 -1.34 -23.19 -2.20
N GLY A 18 -2.48 -23.32 -1.53
CA GLY A 18 -2.72 -22.63 -0.26
C GLY A 18 -3.19 -21.20 -0.49
N GLY A 19 -3.16 -20.36 0.55
CA GLY A 19 -3.63 -18.97 0.47
C GLY A 19 -5.14 -18.89 0.26
N GLY A 20 -5.89 -19.81 0.86
CA GLY A 20 -7.35 -19.85 0.71
C GLY A 20 -8.09 -18.85 1.59
N ARG A 21 -9.40 -19.05 1.70
CA ARG A 21 -10.36 -18.04 2.19
C ARG A 21 -9.90 -17.44 3.53
N ASN A 22 -9.47 -18.26 4.49
CA ASN A 22 -9.19 -17.79 5.88
C ASN A 22 -7.68 -17.73 6.14
N SER A 23 -6.87 -17.83 5.10
CA SER A 23 -5.39 -17.81 5.23
C SER A 23 -4.95 -16.40 5.64
N GLN A 24 -3.84 -16.31 6.36
CA GLN A 24 -3.29 -15.01 6.78
C GLN A 24 -2.60 -14.34 5.58
N ILE A 25 -1.88 -15.11 4.76
CA ILE A 25 -0.94 -14.49 3.77
C ILE A 25 -1.45 -14.66 2.34
N GLY A 26 -2.50 -15.44 2.09
CA GLY A 26 -2.94 -15.70 0.70
C GLY A 26 -3.16 -14.40 -0.05
N TYR A 27 -3.79 -13.41 0.57
CA TYR A 27 -4.28 -12.24 -0.17
C TYR A 27 -3.09 -11.41 -0.67
N ILE A 28 -2.07 -11.20 0.16
CA ILE A 28 -0.97 -10.29 -0.26
C ILE A 28 -0.24 -10.91 -1.46
N HIS A 29 -0.15 -12.23 -1.55
CA HIS A 29 0.48 -12.88 -2.74
C HIS A 29 -0.29 -12.45 -3.99
N ARG A 30 -1.61 -12.58 -3.97
CA ARG A 30 -2.44 -12.21 -5.13
C ARG A 30 -2.41 -10.71 -5.39
N SER A 31 -2.54 -9.89 -4.34
CA SER A 31 -2.55 -8.42 -4.50
C SER A 31 -1.25 -7.98 -5.22
N ALA A 32 -0.13 -8.60 -4.85
CA ALA A 32 1.19 -8.25 -5.41
C ALA A 32 1.39 -8.85 -6.81
N ALA A 33 1.01 -10.11 -7.00
CA ALA A 33 1.25 -10.87 -8.25
C ALA A 33 0.38 -10.31 -9.38
N LEU A 34 -0.88 -9.96 -9.09
CA LEU A 34 -1.83 -9.51 -10.15
C LEU A 34 -1.55 -8.06 -10.54
N ARG A 35 -0.84 -7.34 -9.69
CA ARG A 35 -0.61 -5.89 -9.90
C ARG A 35 0.28 -5.66 -11.13
N ASP A 36 0.00 -4.59 -11.87
CA ASP A 36 0.84 -4.09 -12.99
C ASP A 36 1.04 -5.19 -14.05
N GLN A 37 0.09 -6.12 -14.15
CA GLN A 37 0.02 -7.16 -15.22
C GLN A 37 1.19 -8.16 -15.12
N SER A 38 1.73 -8.41 -13.94
CA SER A 38 2.87 -9.36 -13.77
C SER A 38 2.39 -10.80 -13.96
N PHE A 39 1.34 -11.17 -13.25
CA PHE A 39 0.80 -12.54 -13.23
C PHE A 39 -0.72 -12.49 -13.49
N ALA A 40 -1.25 -13.61 -13.99
CA ALA A 40 -2.71 -13.82 -14.13
C ALA A 40 -3.05 -15.11 -13.39
N LEU A 41 -3.95 -15.04 -12.40
CA LEU A 41 -4.39 -16.20 -11.61
C LEU A 41 -5.39 -17.00 -12.44
N VAL A 42 -4.99 -18.17 -12.93
CA VAL A 42 -5.81 -18.97 -13.89
C VAL A 42 -6.17 -20.33 -13.28
N ALA A 43 -5.58 -20.70 -12.14
CA ALA A 43 -5.79 -22.03 -11.55
C ALA A 43 -5.33 -22.01 -10.10
N GLY A 44 -5.73 -23.00 -9.32
CA GLY A 44 -5.14 -23.17 -7.98
C GLY A 44 -5.65 -24.36 -7.26
N ALA A 45 -4.96 -24.71 -6.19
CA ALA A 45 -5.40 -25.66 -5.15
C ALA A 45 -5.39 -24.87 -3.84
N PHE A 46 -6.43 -24.06 -3.65
CA PHE A 46 -6.39 -22.91 -2.71
C PHE A 46 -6.49 -23.36 -1.25
N ASP A 47 -7.01 -24.56 -0.99
CA ASP A 47 -7.45 -24.93 0.36
C ASP A 47 -7.09 -26.40 0.61
N ILE A 48 -6.82 -26.76 1.86
CA ILE A 48 -6.65 -28.20 2.21
C ILE A 48 -7.96 -28.93 1.87
N ASP A 49 -9.11 -28.26 1.97
CA ASP A 49 -10.42 -28.85 1.59
C ASP A 49 -10.74 -28.50 0.14
N PRO A 50 -10.83 -29.49 -0.79
CA PRO A 50 -11.13 -29.20 -2.19
C PRO A 50 -12.38 -28.32 -2.42
N GLY A 51 -13.47 -28.61 -1.71
CA GLY A 51 -14.77 -27.90 -1.87
C GLY A 51 -14.65 -26.43 -1.52
N ARG A 52 -13.97 -26.11 -0.42
CA ARG A 52 -13.75 -24.70 0.00
C ARG A 52 -12.74 -24.04 -0.93
N GLY A 53 -11.80 -24.82 -1.48
CA GLY A 53 -10.81 -24.29 -2.44
C GLY A 53 -11.52 -23.83 -3.69
N ARG A 54 -12.50 -24.61 -4.13
CA ARG A 54 -13.24 -24.32 -5.37
C ARG A 54 -14.17 -23.12 -5.14
N GLU A 55 -14.92 -23.12 -4.06
CA GLU A 55 -15.86 -22.01 -3.78
C GLU A 55 -15.06 -20.70 -3.72
N PHE A 56 -13.91 -20.73 -3.05
CA PHE A 56 -13.09 -19.51 -2.89
C PHE A 56 -12.51 -19.14 -4.26
N GLY A 57 -11.96 -20.15 -4.94
CA GLY A 57 -11.38 -19.98 -6.27
C GLY A 57 -12.33 -19.25 -7.20
N VAL A 58 -13.59 -19.67 -7.25
CA VAL A 58 -14.60 -19.03 -8.14
C VAL A 58 -14.75 -17.56 -7.78
N GLN A 59 -14.82 -17.23 -6.49
CA GLN A 59 -14.94 -15.82 -6.02
C GLN A 59 -13.72 -14.99 -6.44
N LEU A 60 -12.57 -15.62 -6.64
CA LEU A 60 -11.33 -14.95 -7.11
C LEU A 60 -11.33 -14.81 -8.63
N GLY A 61 -12.36 -15.31 -9.31
CA GLY A 61 -12.48 -15.22 -10.77
C GLY A 61 -11.83 -16.41 -11.48
N VAL A 62 -11.51 -17.47 -10.75
CA VAL A 62 -10.81 -18.64 -11.37
C VAL A 62 -11.87 -19.56 -11.99
N ASP A 63 -11.57 -20.08 -13.18
CA ASP A 63 -12.37 -21.17 -13.83
C ASP A 63 -12.60 -22.26 -12.79
N PRO A 64 -13.89 -22.59 -12.48
CA PRO A 64 -14.17 -23.65 -11.50
C PRO A 64 -13.44 -24.95 -11.80
N GLN A 65 -13.26 -25.27 -13.07
CA GLN A 65 -12.61 -26.54 -13.50
C GLN A 65 -11.10 -26.51 -13.26
N ARG A 66 -10.53 -25.33 -12.97
CA ARG A 66 -9.08 -25.19 -12.72
C ARG A 66 -8.84 -24.87 -11.24
N CYS A 67 -9.86 -25.04 -10.40
CA CYS A 67 -9.75 -25.08 -8.92
C CYS A 67 -9.65 -26.55 -8.51
N TYR A 68 -8.44 -27.03 -8.32
CA TYR A 68 -8.15 -28.47 -8.19
C TYR A 68 -8.10 -28.86 -6.72
N PRO A 69 -8.35 -30.14 -6.39
CA PRO A 69 -8.35 -30.60 -5.01
C PRO A 69 -6.98 -30.53 -4.32
N ASP A 70 -5.89 -30.61 -5.09
CA ASP A 70 -4.54 -30.74 -4.49
C ASP A 70 -3.48 -30.40 -5.52
N TYR A 71 -2.24 -30.24 -5.07
CA TYR A 71 -1.15 -29.70 -5.91
C TYR A 71 -0.85 -30.73 -7.02
N ARG A 72 -0.89 -32.02 -6.70
CA ARG A 72 -0.56 -33.07 -7.71
C ARG A 72 -1.55 -32.93 -8.87
N THR A 73 -2.84 -32.83 -8.57
CA THR A 73 -3.90 -32.74 -9.61
C THR A 73 -3.72 -31.43 -10.39
N LEU A 74 -3.45 -30.34 -9.69
CA LEU A 74 -3.15 -29.04 -10.36
C LEU A 74 -2.03 -29.24 -11.38
N PHE A 75 -0.90 -29.83 -10.99
CA PHE A 75 0.28 -29.87 -11.89
C PHE A 75 0.00 -30.81 -13.08
N GLU A 76 -0.57 -31.98 -12.80
CA GLU A 76 -0.91 -32.99 -13.83
C GLU A 76 -1.92 -32.43 -14.85
N GLN A 77 -3.05 -31.89 -14.38
CA GLN A 77 -4.15 -31.42 -15.26
C GLN A 77 -3.70 -30.19 -16.05
N GLU A 78 -2.92 -29.29 -15.43
CA GLU A 78 -2.49 -28.05 -16.12
C GLU A 78 -1.51 -28.40 -17.24
N ALA A 79 -0.68 -29.43 -17.03
CA ALA A 79 0.33 -29.90 -18.01
C ALA A 79 -0.36 -30.34 -19.31
N ARG A 80 -1.64 -30.74 -19.26
CA ARG A 80 -2.39 -31.25 -20.44
C ARG A 80 -2.94 -30.09 -21.27
N ARG A 81 -2.93 -28.86 -20.76
CA ARG A 81 -3.57 -27.70 -21.42
C ARG A 81 -2.52 -26.86 -22.12
N PRO A 82 -2.77 -26.35 -23.34
CA PRO A 82 -1.83 -25.42 -23.99
C PRO A 82 -1.73 -24.08 -23.24
N ASP A 83 -2.74 -23.72 -22.45
CA ASP A 83 -2.76 -22.46 -21.67
C ASP A 83 -2.47 -22.77 -20.20
N GLY A 84 -1.82 -23.92 -19.94
CA GLY A 84 -1.49 -24.40 -18.58
C GLY A 84 -0.62 -23.40 -17.83
N ILE A 85 -0.61 -23.48 -16.50
CA ILE A 85 0.19 -22.55 -15.66
C ILE A 85 1.66 -22.67 -16.05
N GLN A 86 2.37 -21.55 -15.94
CA GLN A 86 3.83 -21.47 -16.10
C GLN A 86 4.51 -21.38 -14.74
N ALA A 87 3.79 -20.95 -13.69
CA ALA A 87 4.39 -20.66 -12.37
C ALA A 87 3.38 -20.87 -11.27
N VAL A 88 3.83 -21.20 -10.08
CA VAL A 88 2.91 -21.44 -8.92
C VAL A 88 3.52 -20.78 -7.70
N SER A 89 2.68 -20.18 -6.85
CA SER A 89 3.10 -19.66 -5.53
C SER A 89 2.63 -20.64 -4.47
N VAL A 90 3.54 -21.02 -3.58
CA VAL A 90 3.27 -22.03 -2.51
C VAL A 90 3.10 -21.28 -1.18
N ALA A 91 1.86 -21.23 -0.69
CA ALA A 91 1.47 -20.45 0.51
C ALA A 91 0.84 -21.41 1.52
N THR A 92 1.31 -22.65 1.57
CA THR A 92 0.86 -23.68 2.53
C THR A 92 1.69 -23.58 3.80
N PRO A 93 1.27 -24.28 4.89
CA PRO A 93 2.11 -24.44 6.06
C PRO A 93 3.49 -25.02 5.71
N ASN A 94 4.46 -24.79 6.60
CA ASN A 94 5.90 -24.99 6.30
C ASN A 94 6.17 -26.44 5.89
N GLY A 95 5.52 -27.40 6.54
CA GLY A 95 5.82 -28.84 6.35
C GLY A 95 5.57 -29.33 4.93
N THR A 96 4.74 -28.63 4.15
CA THR A 96 4.43 -29.04 2.76
C THR A 96 5.25 -28.25 1.73
N HIS A 97 6.07 -27.27 2.13
CA HIS A 97 6.79 -26.46 1.10
C HIS A 97 7.69 -27.35 0.24
N PHE A 98 8.42 -28.27 0.85
CA PHE A 98 9.44 -29.05 0.12
C PHE A 98 8.74 -29.88 -0.96
N ALA A 99 7.76 -30.70 -0.56
CA ALA A 99 7.09 -31.65 -1.49
C ALA A 99 6.44 -30.88 -2.64
N ILE A 100 5.75 -29.78 -2.34
CA ILE A 100 4.97 -29.02 -3.35
C ILE A 100 5.96 -28.34 -4.31
N THR A 101 7.00 -27.72 -3.76
CA THR A 101 8.02 -27.00 -4.58
C THR A 101 8.72 -28.02 -5.48
N ARG A 102 9.12 -29.16 -4.91
CA ARG A 102 9.81 -30.24 -5.66
C ARG A 102 8.91 -30.69 -6.81
N ALA A 103 7.65 -31.02 -6.52
CA ALA A 103 6.68 -31.44 -7.56
C ALA A 103 6.57 -30.37 -8.64
N ALA A 104 6.48 -29.08 -8.26
CA ALA A 104 6.29 -27.98 -9.24
C ALA A 104 7.52 -27.91 -10.14
N LEU A 105 8.71 -27.97 -9.54
CA LEU A 105 9.97 -27.87 -10.32
C LEU A 105 10.05 -29.07 -11.28
N GLU A 106 9.74 -30.28 -10.80
CA GLU A 106 9.81 -31.50 -11.66
C GLU A 106 8.81 -31.38 -12.81
N ALA A 107 7.71 -30.65 -12.62
CA ALA A 107 6.68 -30.43 -13.66
C ALA A 107 7.09 -29.29 -14.59
N GLY A 108 8.31 -28.76 -14.42
CA GLY A 108 8.84 -27.69 -15.27
C GLY A 108 8.19 -26.32 -14.98
N LEU A 109 7.73 -26.09 -13.75
CA LEU A 109 7.10 -24.78 -13.37
C LEU A 109 8.10 -23.93 -12.59
N HIS A 110 8.06 -22.61 -12.80
CA HIS A 110 8.70 -21.62 -11.89
C HIS A 110 7.91 -21.57 -10.60
N VAL A 111 8.58 -21.27 -9.49
CA VAL A 111 7.90 -21.34 -8.15
C VAL A 111 8.23 -20.08 -7.38
N VAL A 112 7.23 -19.55 -6.70
CA VAL A 112 7.46 -18.59 -5.60
C VAL A 112 7.07 -19.31 -4.33
N CYS A 113 8.01 -19.52 -3.43
CA CYS A 113 7.74 -20.36 -2.23
C CYS A 113 7.82 -19.46 -1.01
N GLU A 114 6.89 -19.68 -0.08
CA GLU A 114 6.90 -18.90 1.17
C GLU A 114 8.11 -19.29 2.00
N LYS A 115 8.57 -18.39 2.87
CA LYS A 115 9.63 -18.71 3.86
C LYS A 115 8.97 -19.36 5.07
N PRO A 116 9.73 -20.12 5.89
CA PRO A 116 11.05 -20.63 5.54
C PRO A 116 10.87 -21.65 4.40
N LEU A 117 11.86 -21.73 3.51
CA LEU A 117 11.77 -22.55 2.29
C LEU A 117 11.37 -23.98 2.65
N CYS A 118 12.01 -24.57 3.64
CA CYS A 118 11.77 -25.97 4.06
C CYS A 118 12.43 -26.23 5.40
N PHE A 119 12.42 -27.47 5.86
CA PHE A 119 12.88 -27.83 7.23
C PHE A 119 14.39 -28.02 7.29
N THR A 120 14.95 -28.74 6.31
CA THR A 120 16.36 -29.19 6.40
C THR A 120 17.17 -28.59 5.25
N LEU A 121 18.46 -28.46 5.50
CA LEU A 121 19.42 -27.94 4.50
C LEU A 121 19.51 -28.91 3.33
N GLU A 122 19.41 -30.23 3.58
CA GLU A 122 19.47 -31.24 2.51
C GLU A 122 18.25 -31.05 1.58
N GLU A 123 17.07 -30.77 2.12
CA GLU A 123 15.86 -30.47 1.31
C GLU A 123 16.07 -29.20 0.46
N ALA A 124 16.57 -28.15 1.09
CA ALA A 124 16.85 -26.85 0.42
C ALA A 124 17.83 -27.06 -0.75
N GLU A 125 18.93 -27.78 -0.51
CA GLU A 125 19.90 -28.00 -1.61
C GLU A 125 19.32 -29.00 -2.65
N THR A 126 18.38 -29.88 -2.29
CA THR A 126 17.67 -30.71 -3.30
C THR A 126 16.78 -29.82 -4.18
N LEU A 127 16.03 -28.88 -3.59
CA LEU A 127 15.23 -27.93 -4.44
C LEU A 127 16.15 -27.14 -5.35
N ARG A 128 17.30 -26.68 -4.83
CA ARG A 128 18.24 -25.84 -5.61
C ARG A 128 18.72 -26.63 -6.84
N GLU A 129 19.14 -27.89 -6.66
CA GLU A 129 19.68 -28.71 -7.78
C GLU A 129 18.55 -29.05 -8.77
N ILE A 130 17.32 -29.31 -8.32
CA ILE A 130 16.21 -29.57 -9.28
C ILE A 130 15.88 -28.28 -10.03
N ALA A 131 15.87 -27.14 -9.35
CA ALA A 131 15.60 -25.83 -9.98
C ALA A 131 16.67 -25.56 -11.04
N LEU A 132 17.91 -25.90 -10.73
CA LEU A 132 19.03 -25.59 -11.64
C LEU A 132 18.94 -26.49 -12.87
N ALA A 133 18.64 -27.77 -12.67
CA ALA A 133 18.58 -28.81 -13.73
C ALA A 133 17.46 -28.48 -14.72
N ASN A 134 16.36 -27.95 -14.21
CA ASN A 134 15.13 -27.66 -15.00
C ASN A 134 15.11 -26.19 -15.40
N ASN A 135 16.16 -25.45 -15.06
CA ASN A 135 16.29 -24.02 -15.45
C ASN A 135 15.07 -23.22 -14.98
N ARG A 136 14.65 -23.42 -13.73
CA ARG A 136 13.48 -22.70 -13.16
C ARG A 136 13.94 -21.63 -12.15
N VAL A 137 13.14 -20.57 -12.10
CA VAL A 137 13.20 -19.46 -11.12
C VAL A 137 12.51 -19.95 -9.86
N VAL A 138 13.17 -19.83 -8.73
CA VAL A 138 12.52 -19.96 -7.42
C VAL A 138 12.65 -18.63 -6.70
N GLY A 139 11.52 -17.95 -6.51
CA GLY A 139 11.43 -16.75 -5.66
C GLY A 139 11.07 -17.16 -4.25
N VAL A 140 11.48 -16.37 -3.27
CA VAL A 140 11.09 -16.58 -1.85
C VAL A 140 10.55 -15.26 -1.30
N THR A 141 9.40 -15.29 -0.64
CA THR A 141 8.69 -14.04 -0.29
C THR A 141 9.24 -13.52 1.04
N TYR A 142 10.51 -13.13 1.04
CA TYR A 142 11.10 -12.21 2.04
C TYR A 142 10.62 -10.79 1.71
N GLY A 143 9.34 -10.54 1.96
CA GLY A 143 8.57 -9.40 1.42
C GLY A 143 9.15 -8.05 1.82
N TYR A 144 9.69 -7.96 3.04
CA TYR A 144 10.22 -6.68 3.58
C TYR A 144 11.38 -6.18 2.70
N ALA A 145 12.03 -7.06 1.96
CA ALA A 145 13.21 -6.70 1.13
C ALA A 145 12.78 -5.83 -0.06
N GLY A 146 11.47 -5.78 -0.34
CA GLY A 146 10.94 -4.96 -1.45
C GLY A 146 10.84 -3.48 -1.11
N HIS A 147 10.94 -3.08 0.16
CA HIS A 147 10.90 -1.65 0.56
C HIS A 147 12.12 -0.92 -0.01
N GLN A 148 11.90 0.21 -0.66
CA GLN A 148 12.95 0.97 -1.39
C GLN A 148 14.11 1.28 -0.44
N LEU A 149 13.85 1.58 0.84
CA LEU A 149 14.93 2.07 1.72
C LEU A 149 15.87 0.92 2.13
N ILE A 150 15.49 -0.33 1.90
CA ILE A 150 16.46 -1.46 2.07
C ILE A 150 17.55 -1.31 1.00
N GLU A 151 17.16 -1.00 -0.22
CA GLU A 151 18.12 -0.76 -1.32
C GLU A 151 18.96 0.47 -0.99
N GLN A 152 18.33 1.52 -0.46
CA GLN A 152 19.05 2.75 -0.02
C GLN A 152 20.14 2.34 0.96
N ALA A 153 19.80 1.56 1.99
CA ALA A 153 20.78 1.07 2.99
C ALA A 153 21.93 0.32 2.29
N ARG A 154 21.61 -0.59 1.37
CA ARG A 154 22.65 -1.39 0.67
C ARG A 154 23.60 -0.43 -0.06
N ALA A 155 23.03 0.54 -0.77
CA ALA A 155 23.82 1.47 -1.60
C ALA A 155 24.72 2.31 -0.68
N MET A 156 24.21 2.77 0.46
CA MET A 156 24.99 3.62 1.40
C MET A 156 26.16 2.83 1.98
N ILE A 157 25.93 1.58 2.36
CA ILE A 157 26.97 0.74 2.99
C ILE A 157 28.07 0.50 1.95
N ALA A 158 27.70 0.17 0.71
CA ALA A 158 28.66 -0.15 -0.37
C ALA A 158 29.51 1.09 -0.67
N ASP A 159 28.92 2.27 -0.52
CA ASP A 159 29.55 3.58 -0.82
C ASP A 159 30.40 4.03 0.38
N GLY A 160 30.43 3.24 1.46
CA GLY A 160 31.28 3.49 2.64
C GLY A 160 30.70 4.54 3.57
N GLU A 161 29.40 4.85 3.46
CA GLU A 161 28.81 5.97 4.23
C GLU A 161 28.79 5.67 5.74
N LEU A 162 28.88 4.39 6.15
CA LEU A 162 28.90 4.06 7.60
C LEU A 162 30.34 3.87 8.08
N GLY A 163 31.33 3.97 7.19
CA GLY A 163 32.72 3.56 7.55
C GLY A 163 32.81 2.05 7.60
N GLU A 164 33.66 1.51 8.46
CA GLU A 164 33.86 0.04 8.56
C GLU A 164 32.70 -0.54 9.36
N ILE A 165 32.06 -1.60 8.87
CA ILE A 165 30.87 -2.18 9.54
C ILE A 165 31.31 -2.97 10.77
N ARG A 166 30.71 -2.70 11.92
CA ARG A 166 31.17 -3.35 13.17
C ARG A 166 30.10 -4.30 13.70
N MET A 167 28.84 -3.92 13.58
CA MET A 167 27.76 -4.69 14.23
C MET A 167 26.47 -4.61 13.41
N VAL A 168 25.75 -5.72 13.40
CA VAL A 168 24.43 -5.81 12.74
C VAL A 168 23.46 -6.33 13.78
N HIS A 169 22.51 -5.48 14.21
CA HIS A 169 21.56 -5.80 15.30
C HIS A 169 20.17 -5.98 14.70
N MET A 170 19.64 -7.18 14.79
CA MET A 170 18.39 -7.56 14.10
C MET A 170 17.40 -8.02 15.16
N GLN A 171 16.14 -7.68 14.99
CA GLN A 171 15.08 -8.29 15.80
C GLN A 171 13.83 -8.45 14.96
N PHE A 172 13.07 -9.48 15.29
CA PHE A 172 11.66 -9.57 14.87
C PHE A 172 10.96 -10.14 16.11
N ALA A 173 10.44 -9.23 16.92
CA ALA A 173 10.00 -9.59 18.27
C ALA A 173 8.62 -8.98 18.52
N HIS A 174 7.58 -9.78 18.28
CA HIS A 174 6.16 -9.37 18.44
C HIS A 174 5.58 -10.09 19.66
N GLY A 175 4.41 -9.65 20.12
CA GLY A 175 3.81 -10.23 21.34
C GLY A 175 2.60 -11.10 21.09
N PHE A 176 2.23 -11.35 19.83
CA PHE A 176 0.91 -11.98 19.52
C PHE A 176 0.76 -13.38 20.13
N HIS A 177 1.85 -14.09 20.45
CA HIS A 177 1.77 -15.43 21.09
C HIS A 177 2.30 -15.41 22.52
N SER A 178 2.14 -14.28 23.22
CA SER A 178 2.50 -14.18 24.66
C SER A 178 1.62 -15.16 25.44
N ALA A 179 0.36 -15.25 25.03
CA ALA A 179 -0.63 -16.14 25.66
C ALA A 179 -0.79 -17.39 24.80
N PRO A 180 -1.30 -18.51 25.37
CA PRO A 180 -1.50 -19.74 24.60
C PRO A 180 -2.74 -19.64 23.73
N VAL A 181 -2.68 -18.78 22.71
CA VAL A 181 -3.78 -18.57 21.73
C VAL A 181 -3.67 -19.70 20.68
N GLU A 186 -5.87 -21.39 14.44
CA GLU A 186 -5.51 -22.33 13.37
C GLU A 186 -4.11 -22.07 12.84
N ALA A 187 -3.85 -20.84 12.37
CA ALA A 187 -2.52 -20.41 11.86
C ALA A 187 -1.44 -20.61 12.92
N THR A 188 -1.74 -20.24 14.18
CA THR A 188 -0.80 -20.37 15.31
C THR A 188 -0.65 -21.85 15.67
N LYS A 189 -1.77 -22.59 15.63
CA LYS A 189 -1.74 -24.03 16.01
C LYS A 189 -0.61 -24.72 15.22
N TRP A 190 -0.58 -24.64 13.88
CA TRP A 190 0.41 -25.41 13.08
C TRP A 190 1.84 -24.88 13.35
N ARG A 191 2.03 -23.57 13.50
CA ARG A 191 3.37 -22.95 13.80
C ARG A 191 3.97 -23.58 15.08
N VAL A 192 3.10 -23.91 16.04
CA VAL A 192 3.45 -24.51 17.36
C VAL A 192 3.21 -26.03 17.28
N GLY A 198 8.55 -29.50 12.10
CA GLY A 198 9.49 -28.37 11.92
C GLY A 198 10.52 -28.34 13.05
N PRO A 199 11.78 -27.98 12.79
CA PRO A 199 12.77 -27.92 13.88
C PRO A 199 12.66 -26.65 14.73
N SER A 200 11.93 -25.62 14.26
CA SER A 200 11.84 -24.33 15.00
C SER A 200 10.49 -23.66 14.81
N TYR A 201 10.21 -22.70 15.67
CA TYR A 201 9.09 -21.75 15.50
C TYR A 201 9.67 -20.38 15.14
N VAL A 202 9.99 -19.53 16.12
CA VAL A 202 10.22 -18.09 15.78
C VAL A 202 11.52 -17.91 14.99
N LEU A 203 12.52 -18.79 15.15
CA LEU A 203 13.75 -18.64 14.33
C LEU A 203 13.37 -18.64 12.84
N GLY A 204 12.61 -19.65 12.39
CA GLY A 204 12.20 -19.73 10.97
C GLY A 204 11.05 -18.79 10.64
N ASP A 205 10.13 -18.61 11.57
CA ASP A 205 8.89 -17.85 11.28
C ASP A 205 9.23 -16.36 11.17
N VAL A 206 10.08 -15.82 12.05
CA VAL A 206 10.32 -14.36 12.07
C VAL A 206 11.81 -14.03 12.00
N GLY A 207 12.70 -14.81 12.63
CA GLY A 207 14.12 -14.40 12.68
C GLY A 207 14.73 -14.31 11.29
N THR A 208 14.31 -15.17 10.37
CA THR A 208 14.84 -15.23 8.98
C THR A 208 14.54 -13.92 8.22
N HIS A 209 13.53 -13.16 8.62
CA HIS A 209 13.19 -11.92 7.88
C HIS A 209 14.31 -10.89 7.97
N PRO A 210 14.68 -10.36 9.16
CA PRO A 210 15.73 -9.36 9.23
C PRO A 210 17.09 -9.97 8.92
N LEU A 211 17.24 -11.29 9.09
CA LEU A 211 18.47 -11.98 8.61
C LEU A 211 18.62 -11.72 7.12
N TYR A 212 17.57 -11.96 6.34
CA TYR A 212 17.62 -11.71 4.89
C TYR A 212 17.85 -10.21 4.62
N LEU A 213 17.26 -9.30 5.38
CA LEU A 213 17.57 -7.86 5.17
C LEU A 213 19.08 -7.63 5.35
N SER A 214 19.73 -8.29 6.31
CA SER A 214 21.20 -8.13 6.52
C SER A 214 21.97 -8.65 5.30
N GLU A 215 21.48 -9.72 4.66
CA GLU A 215 22.13 -10.28 3.44
C GLU A 215 21.96 -9.31 2.27
N VAL A 216 20.84 -8.59 2.20
CA VAL A 216 20.65 -7.58 1.11
C VAL A 216 21.58 -6.39 1.39
N MET A 217 21.66 -5.93 2.63
CA MET A 217 22.46 -4.72 2.97
C MET A 217 23.96 -5.03 2.96
N LEU A 218 24.36 -6.25 3.35
CA LEU A 218 25.78 -6.64 3.52
C LEU A 218 26.04 -7.90 2.73
N PRO A 219 25.98 -7.86 1.38
CA PRO A 219 26.01 -9.08 0.57
C PRO A 219 27.32 -9.85 0.71
N GLU A 220 28.38 -9.20 1.19
CA GLU A 220 29.74 -9.80 1.22
C GLU A 220 30.06 -10.31 2.63
N PHE A 221 29.19 -10.05 3.60
CA PHE A 221 29.36 -10.54 4.99
C PHE A 221 29.16 -12.06 5.01
N ARG A 222 30.05 -12.77 5.70
CA ARG A 222 29.93 -14.24 5.87
C ARG A 222 29.98 -14.55 7.36
N ILE A 223 28.98 -15.28 7.85
CA ILE A 223 28.96 -15.73 9.27
C ILE A 223 30.07 -16.78 9.44
N LYS A 224 30.91 -16.60 10.45
CA LYS A 224 32.00 -17.55 10.79
C LYS A 224 31.46 -18.56 11.81
N ARG A 225 30.90 -18.07 12.91
CA ARG A 225 30.30 -18.96 13.92
C ARG A 225 29.12 -18.29 14.61
N LEU A 226 28.25 -19.09 15.20
CA LEU A 226 27.14 -18.48 15.96
C LEU A 226 26.82 -19.33 17.19
N MET A 227 26.08 -18.71 18.09
CA MET A 227 25.49 -19.43 19.23
C MET A 227 24.05 -18.96 19.35
N CYS A 228 23.18 -19.84 19.81
CA CYS A 228 21.75 -19.53 19.92
C CYS A 228 21.23 -20.11 21.21
N SER A 229 20.55 -19.30 22.01
CA SER A 229 19.82 -19.75 23.20
C SER A 229 18.34 -19.55 22.92
N ARG A 230 17.55 -20.61 22.98
CA ARG A 230 16.12 -20.51 22.62
C ARG A 230 15.29 -21.02 23.79
N GLN A 231 14.09 -20.47 23.93
CA GLN A 231 13.21 -20.80 25.07
C GLN A 231 11.81 -21.10 24.56
N SER A 232 11.11 -21.94 25.30
CA SER A 232 9.65 -22.16 25.13
C SER A 232 8.94 -21.53 26.34
N PHE A 233 8.58 -20.26 26.27
CA PHE A 233 8.00 -19.57 27.46
C PHE A 233 6.60 -20.13 27.66
N VAL A 234 5.89 -20.40 26.58
CA VAL A 234 4.63 -21.21 26.66
C VAL A 234 5.08 -22.66 26.58
N LYS A 235 5.15 -23.31 27.75
CA LYS A 235 5.89 -24.59 27.96
C LYS A 235 5.36 -25.68 27.01
N SER A 236 4.08 -25.60 26.67
CA SER A 236 3.41 -26.62 25.80
C SER A 236 3.99 -26.59 24.39
N ARG A 237 4.71 -25.53 24.01
CA ARG A 237 5.32 -25.45 22.65
C ARG A 237 6.62 -26.25 22.58
N ALA A 238 7.25 -26.53 23.72
CA ALA A 238 8.55 -27.26 23.75
C ALA A 238 8.38 -28.53 22.90
N PRO A 239 9.33 -28.86 22.00
CA PRO A 239 10.63 -28.18 21.91
C PRO A 239 10.72 -26.97 20.98
N LEU A 240 9.61 -26.55 20.36
CA LEU A 240 9.61 -25.34 19.50
C LEU A 240 9.80 -24.09 20.36
N GLU A 241 10.67 -23.18 19.94
CA GLU A 241 10.99 -21.96 20.71
C GLU A 241 10.01 -20.84 20.32
N ASP A 242 9.57 -20.07 21.31
CA ASP A 242 8.80 -18.83 21.06
C ASP A 242 9.69 -17.60 21.33
N ASN A 243 10.96 -17.83 21.65
CA ASN A 243 11.95 -16.75 21.91
C ASN A 243 13.33 -17.30 21.63
N ALA A 244 14.22 -16.50 21.05
CA ALA A 244 15.59 -16.95 20.80
C ALA A 244 16.52 -15.75 20.66
N TYR A 245 17.75 -15.97 21.08
CA TYR A 245 18.86 -14.99 20.95
C TYR A 245 19.94 -15.69 20.14
N THR A 246 20.34 -15.10 19.02
CA THR A 246 21.41 -15.65 18.19
C THR A 246 22.53 -14.62 18.17
N LEU A 247 23.70 -14.99 18.65
CA LEU A 247 24.87 -14.10 18.57
C LEU A 247 25.79 -14.68 17.52
N MET A 248 26.27 -13.85 16.60
CA MET A 248 27.05 -14.31 15.44
C MET A 248 28.36 -13.54 15.36
N GLU A 249 29.43 -14.25 14.98
CA GLU A 249 30.70 -13.61 14.59
C GLU A 249 30.83 -13.74 13.08
N TYR A 250 31.00 -12.62 12.41
CA TYR A 250 31.25 -12.59 10.95
C TYR A 250 32.74 -12.75 10.70
N GLU A 251 33.08 -13.28 9.52
CA GLU A 251 34.49 -13.30 9.05
C GLU A 251 34.96 -11.84 9.00
N GLY A 252 36.10 -11.51 9.63
CA GLY A 252 36.60 -10.12 9.68
C GLY A 252 36.30 -9.46 11.01
N GLY A 253 35.45 -10.09 11.86
CA GLY A 253 35.33 -9.72 13.28
C GLY A 253 34.12 -8.85 13.60
N ALA A 254 33.28 -8.46 12.64
CA ALA A 254 31.99 -7.81 12.95
C ALA A 254 31.13 -8.79 13.74
N MET A 255 30.15 -8.29 14.50
CA MET A 255 29.28 -9.13 15.33
C MET A 255 27.85 -8.97 14.84
N GLY A 256 27.04 -10.01 14.93
CA GLY A 256 25.61 -9.86 14.64
C GLY A 256 24.80 -10.40 15.80
N LEU A 257 23.62 -9.84 16.00
CA LEU A 257 22.70 -10.28 17.07
C LEU A 257 21.31 -10.36 16.45
N VAL A 258 20.63 -11.48 16.62
CA VAL A 258 19.21 -11.61 16.19
C VAL A 258 18.37 -11.96 17.42
N TRP A 259 17.40 -11.13 17.72
CA TRP A 259 16.39 -11.46 18.74
C TRP A 259 15.11 -11.85 18.01
N SER A 260 14.71 -13.11 18.10
CA SER A 260 13.48 -13.64 17.48
C SER A 260 12.46 -13.84 18.59
N SER A 261 11.22 -13.38 18.44
CA SER A 261 10.25 -13.55 19.54
C SER A 261 8.81 -13.44 19.07
N ALA A 262 7.94 -14.22 19.72
CA ALA A 262 6.49 -14.14 19.55
C ALA A 262 5.86 -13.85 20.91
N VAL A 263 6.68 -13.62 21.94
CA VAL A 263 6.24 -13.41 23.34
C VAL A 263 6.78 -12.07 23.87
N ASN A 264 7.09 -11.15 22.97
CA ASN A 264 7.45 -9.76 23.35
C ASN A 264 6.13 -8.99 23.59
N ALA A 265 5.51 -9.22 24.74
CA ALA A 265 4.16 -8.73 25.06
C ALA A 265 4.07 -7.22 24.74
N GLY A 266 3.06 -6.84 23.99
CA GLY A 266 2.71 -5.44 23.68
C GLY A 266 3.30 -5.00 22.37
N SER A 267 4.24 -5.76 21.84
CA SER A 267 4.92 -5.36 20.57
C SER A 267 4.03 -5.75 19.39
N MET A 268 3.75 -4.80 18.53
CA MET A 268 2.87 -4.99 17.35
C MET A 268 3.58 -5.73 16.21
N HIS A 269 4.90 -5.69 16.15
CA HIS A 269 5.67 -6.35 15.06
C HIS A 269 7.13 -6.35 15.47
N GLY A 270 7.69 -5.16 15.66
CA GLY A 270 9.06 -5.00 16.22
C GLY A 270 10.12 -5.64 15.33
N GLN A 271 10.01 -5.54 14.02
CA GLN A 271 11.11 -5.97 13.13
C GLN A 271 12.02 -4.79 12.87
N LYS A 272 13.26 -4.87 13.32
CA LYS A 272 14.21 -3.73 13.23
C LYS A 272 15.57 -4.26 12.81
N ILE A 273 16.31 -3.46 12.06
CA ILE A 273 17.71 -3.83 11.76
C ILE A 273 18.53 -2.55 11.90
N ARG A 274 19.56 -2.62 12.73
CA ARG A 274 20.48 -1.48 12.93
C ARG A 274 21.85 -1.95 12.45
N VAL A 275 22.42 -1.26 11.48
CA VAL A 275 23.79 -1.57 11.02
C VAL A 275 24.69 -0.46 11.57
N ILE A 276 25.73 -0.85 12.29
CA ILE A 276 26.58 0.09 13.05
C ILE A 276 27.98 0.03 12.46
N GLY A 277 28.42 1.16 11.94
CA GLY A 277 29.77 1.32 11.38
C GLY A 277 30.64 2.19 12.27
N SER A 278 31.92 2.29 11.93
CA SER A 278 32.90 3.15 12.62
C SER A 278 32.47 4.64 12.54
N ARG A 279 31.77 5.04 11.48
CA ARG A 279 31.40 6.45 11.27
C ARG A 279 29.92 6.70 11.60
N ALA A 280 29.03 5.75 11.31
CA ALA A 280 27.58 6.02 11.35
C ALA A 280 26.80 4.73 11.51
N SER A 281 25.56 4.86 11.93
CA SER A 281 24.57 3.75 11.94
C SER A 281 23.39 4.07 11.02
N LEU A 282 22.74 3.01 10.56
CA LEU A 282 21.42 3.06 9.90
C LEU A 282 20.48 2.21 10.73
N GLU A 283 19.21 2.56 10.78
CA GLU A 283 18.23 1.69 11.46
C GLU A 283 16.91 1.75 10.71
N TRP A 284 16.35 0.57 10.45
CA TRP A 284 15.06 0.44 9.73
C TRP A 284 14.11 -0.35 10.60
N TRP A 285 12.84 0.06 10.58
CA TRP A 285 11.74 -0.52 11.39
C TRP A 285 10.56 -0.80 10.45
N ASP A 286 10.11 -2.06 10.37
CA ASP A 286 9.11 -2.52 9.36
C ASP A 286 7.79 -1.76 9.54
N GLU A 287 7.48 -1.30 10.74
CA GLU A 287 6.15 -0.68 10.98
C GLU A 287 6.13 0.75 10.44
N HIS A 288 7.32 1.32 10.22
CA HIS A 288 7.50 2.66 9.61
C HIS A 288 8.46 2.52 8.45
N PRO A 289 8.06 1.81 7.38
CA PRO A 289 8.99 1.32 6.38
C PRO A 289 9.49 2.43 5.44
N ASN A 290 8.83 3.60 5.46
CA ASN A 290 9.14 4.72 4.54
C ASN A 290 10.22 5.64 5.11
N GLN A 291 10.77 5.31 6.29
CA GLN A 291 11.85 6.11 6.91
C GLN A 291 13.07 5.23 7.19
N LEU A 292 14.24 5.82 7.11
CA LEU A 292 15.51 5.13 7.44
C LEU A 292 16.32 6.07 8.33
N ALA A 293 16.58 5.69 9.58
CA ALA A 293 17.44 6.50 10.48
C ALA A 293 18.86 6.44 9.94
N PHE A 294 19.53 7.59 9.84
CA PHE A 294 20.94 7.66 9.42
C PHE A 294 21.66 8.54 10.41
N GLU A 295 22.53 7.96 11.23
CA GLU A 295 23.04 8.62 12.45
C GLU A 295 24.57 8.65 12.41
N ILE A 296 25.11 9.75 11.90
CA ILE A 296 26.57 9.98 11.84
C ILE A 296 27.03 10.39 13.24
N GLN A 297 28.02 9.68 13.79
CA GLN A 297 28.56 10.04 15.12
C GLN A 297 29.09 11.47 15.07
N GLY A 298 28.65 12.30 16.02
CA GLY A 298 29.15 13.69 16.13
C GLY A 298 28.30 14.67 15.33
N GLN A 299 27.29 14.19 14.60
CA GLN A 299 26.42 15.04 13.77
C GLN A 299 24.99 14.89 14.26
N PRO A 300 24.07 15.80 13.90
CA PRO A 300 22.65 15.58 14.15
C PRO A 300 22.17 14.28 13.50
N VAL A 301 21.31 13.53 14.19
CA VAL A 301 20.68 12.33 13.59
C VAL A 301 19.85 12.82 12.42
N GLN A 302 19.67 11.96 11.44
CA GLN A 302 18.89 12.29 10.24
C GLN A 302 17.86 11.19 10.02
N VAL A 303 16.79 11.55 9.34
CA VAL A 303 15.82 10.55 8.83
C VAL A 303 15.80 10.69 7.32
N LEU A 304 16.07 9.59 6.63
CA LEU A 304 15.93 9.53 5.16
C LEU A 304 14.52 9.04 4.83
N GLU A 305 13.87 9.72 3.89
CA GLU A 305 12.48 9.44 3.49
C GLU A 305 12.43 8.81 2.10
N ARG A 306 11.55 7.84 1.94
CA ARG A 306 11.21 7.24 0.63
C ARG A 306 10.88 8.35 -0.37
N GLY A 307 11.40 8.22 -1.59
CA GLY A 307 10.99 9.06 -2.72
C GLY A 307 11.74 10.37 -2.80
N MET A 308 12.66 10.66 -1.88
CA MET A 308 13.34 11.98 -1.90
C MET A 308 14.56 11.92 -2.85
N GLY A 309 14.82 13.05 -3.51
CA GLY A 309 15.89 13.22 -4.50
C GLY A 309 17.29 12.94 -3.96
N TYR A 310 17.52 13.01 -2.65
CA TYR A 310 18.85 12.74 -2.04
C TYR A 310 19.17 11.23 -1.98
N LEU A 311 18.20 10.36 -2.27
CA LEU A 311 18.41 8.88 -2.22
C LEU A 311 19.27 8.44 -3.40
N HIS A 312 19.90 7.27 -3.28
CA HIS A 312 20.59 6.62 -4.42
C HIS A 312 19.58 6.28 -5.49
N PRO A 313 19.96 6.37 -6.77
CA PRO A 313 19.03 6.12 -7.87
C PRO A 313 18.29 4.77 -7.76
N GLY A 314 18.99 3.72 -7.31
CA GLY A 314 18.41 2.38 -7.14
C GLY A 314 17.22 2.39 -6.20
N ALA A 315 17.21 3.29 -5.20
CA ALA A 315 16.17 3.34 -4.15
C ALA A 315 14.96 4.15 -4.61
N LEU A 316 15.04 4.80 -5.77
CA LEU A 316 13.93 5.60 -6.33
C LEU A 316 13.16 4.81 -7.40
N LEU A 317 13.74 3.74 -7.95
CA LEU A 317 13.17 3.07 -9.16
C LEU A 317 11.73 2.64 -8.87
N ASP A 318 11.45 2.13 -7.66
CA ASP A 318 10.16 1.45 -7.41
C ASP A 318 9.12 2.39 -6.80
N ASP A 319 9.39 3.69 -6.72
CA ASP A 319 8.38 4.64 -6.17
C ASP A 319 7.11 4.60 -7.02
N ARG A 320 5.96 4.41 -6.38
CA ARG A 320 4.65 4.34 -7.07
C ARG A 320 3.84 5.63 -6.84
N ILE A 321 4.28 6.48 -5.92
CA ILE A 321 3.64 7.78 -5.62
C ILE A 321 4.69 8.68 -4.98
N GLY A 322 4.50 10.00 -5.06
CA GLY A 322 5.48 10.99 -4.58
C GLY A 322 5.79 10.85 -3.10
N ALA A 323 6.97 11.33 -2.71
CA ALA A 323 7.47 11.30 -1.32
C ALA A 323 6.41 11.88 -0.38
N GLY A 324 6.25 11.31 0.80
CA GLY A 324 5.32 11.86 1.81
C GLY A 324 4.02 11.10 1.87
N HIS A 325 3.59 10.52 0.75
CA HIS A 325 2.43 9.59 0.72
C HIS A 325 2.93 8.23 1.22
N PRO A 326 2.35 7.63 2.29
CA PRO A 326 2.88 6.37 2.80
C PRO A 326 2.60 5.16 1.88
N GLU A 327 3.67 4.51 1.44
CA GLU A 327 3.59 3.15 0.86
C GLU A 327 3.60 2.17 2.02
N GLY A 328 3.24 0.92 1.77
CA GLY A 328 3.21 -0.12 2.81
C GLY A 328 3.73 -1.43 2.29
N LEU A 329 3.43 -2.50 3.04
CA LEU A 329 4.04 -3.82 2.75
C LEU A 329 3.51 -4.37 1.42
N PHE A 330 2.31 -3.98 0.99
CA PHE A 330 1.78 -4.42 -0.32
C PHE A 330 2.67 -3.87 -1.45
N GLU A 331 3.24 -2.67 -1.29
CA GLU A 331 4.15 -2.10 -2.31
C GLU A 331 5.46 -2.92 -2.34
N ALA A 332 5.99 -3.23 -1.17
CA ALA A 332 7.22 -4.05 -1.06
C ALA A 332 7.00 -5.39 -1.76
N TRP A 333 5.87 -6.05 -1.48
CA TRP A 333 5.62 -7.38 -2.08
C TRP A 333 5.45 -7.24 -3.60
N SER A 334 4.85 -6.15 -4.04
CA SER A 334 4.62 -5.89 -5.49
C SER A 334 5.99 -5.71 -6.16
N ASN A 335 6.94 -5.10 -5.45
CA ASN A 335 8.30 -4.88 -5.96
C ASN A 335 9.02 -6.23 -6.10
N LEU A 336 8.77 -7.20 -5.23
CA LEU A 336 9.37 -8.54 -5.40
C LEU A 336 8.67 -9.25 -6.55
N TYR A 337 7.33 -9.23 -6.59
CA TYR A 337 6.59 -10.03 -7.59
C TYR A 337 6.87 -9.52 -9.02
N TYR A 338 7.04 -8.22 -9.27
CA TYR A 338 7.32 -7.84 -10.68
C TYR A 338 8.70 -8.38 -11.07
N ARG A 339 9.65 -8.44 -10.13
CA ARG A 339 11.00 -8.97 -10.41
C ARG A 339 10.89 -10.48 -10.64
N PHE A 340 10.06 -11.18 -9.86
CA PHE A 340 9.82 -12.62 -10.07
C PHE A 340 9.33 -12.82 -11.50
N ALA A 341 8.35 -12.01 -11.93
CA ALA A 341 7.75 -12.11 -13.28
C ALA A 341 8.81 -11.84 -14.36
N MET A 342 9.60 -10.78 -14.20
CA MET A 342 10.65 -10.46 -15.18
C MET A 342 11.65 -11.63 -15.29
N ALA A 343 11.94 -12.31 -14.17
CA ALA A 343 12.92 -13.41 -14.11
C ALA A 343 12.34 -14.62 -14.85
N MET A 344 11.07 -14.90 -14.62
CA MET A 344 10.41 -16.07 -15.24
C MET A 344 10.31 -15.83 -16.74
N ASP A 345 9.88 -14.64 -17.13
CA ASP A 345 9.72 -14.24 -18.55
C ASP A 345 11.08 -14.30 -19.24
N ALA A 346 12.11 -13.74 -18.61
CA ALA A 346 13.49 -13.73 -19.16
C ALA A 346 13.91 -15.18 -19.42
N THR A 347 13.66 -16.08 -18.47
CA THR A 347 13.97 -17.53 -18.59
C THR A 347 13.25 -18.12 -19.81
N GLU A 348 11.95 -17.87 -19.97
CA GLU A 348 11.12 -18.41 -21.08
C GLU A 348 11.67 -17.91 -22.42
N ARG A 349 12.02 -16.63 -22.53
CA ARG A 349 12.54 -16.02 -23.77
C ARG A 349 14.03 -16.36 -23.93
N GLY A 350 14.63 -17.04 -22.95
CA GLY A 350 16.09 -17.30 -22.87
C GLY A 350 16.89 -16.02 -22.96
N ASP A 351 16.51 -15.00 -22.19
CA ASP A 351 17.24 -13.71 -22.05
C ASP A 351 18.15 -13.82 -20.83
N GLY A 352 19.25 -14.56 -20.95
CA GLY A 352 20.22 -14.78 -19.86
C GLY A 352 20.81 -13.47 -19.37
N ALA A 353 20.90 -12.47 -20.24
CA ALA A 353 21.47 -11.14 -19.93
C ALA A 353 20.60 -10.40 -18.90
N LEU A 354 19.29 -10.30 -19.15
CA LEU A 354 18.35 -9.63 -18.23
C LEU A 354 18.35 -10.37 -16.90
N LEU A 355 18.26 -11.71 -16.99
CA LEU A 355 18.14 -12.63 -15.83
C LEU A 355 19.34 -12.43 -14.91
N ALA A 356 20.53 -12.20 -15.48
CA ALA A 356 21.79 -12.03 -14.74
C ALA A 356 21.80 -10.70 -13.98
N GLY A 357 21.12 -9.66 -14.48
CA GLY A 357 21.13 -8.30 -13.89
C GLY A 357 20.10 -8.13 -12.79
N LEU A 358 19.13 -9.03 -12.70
CA LEU A 358 18.01 -8.96 -11.71
C LEU A 358 18.49 -9.43 -10.33
N ARG A 359 18.05 -8.74 -9.28
CA ARG A 359 18.22 -9.19 -7.88
C ARG A 359 16.86 -9.25 -7.21
N TYR A 360 16.59 -10.38 -6.59
CA TYR A 360 15.31 -10.69 -5.90
C TYR A 360 15.65 -11.79 -4.90
N PRO A 361 14.84 -11.99 -3.85
CA PRO A 361 15.04 -13.12 -2.95
C PRO A 361 14.74 -14.40 -3.71
N ASP A 362 15.75 -15.26 -3.81
CA ASP A 362 15.75 -16.39 -4.78
C ASP A 362 16.05 -17.68 -4.01
N ILE A 363 16.34 -18.76 -4.74
CA ILE A 363 16.63 -20.09 -4.12
C ILE A 363 17.75 -19.93 -3.09
N HIS A 364 18.77 -19.12 -3.38
CA HIS A 364 19.97 -18.96 -2.51
C HIS A 364 19.57 -18.30 -1.20
N ALA A 365 18.67 -17.31 -1.23
CA ALA A 365 18.15 -16.66 -0.01
C ALA A 365 17.41 -17.73 0.82
N GLY A 366 16.59 -18.54 0.15
CA GLY A 366 15.82 -19.60 0.82
C GLY A 366 16.75 -20.59 1.51
N VAL A 367 17.81 -21.01 0.81
CA VAL A 367 18.81 -21.98 1.35
C VAL A 367 19.48 -21.35 2.57
N GLU A 368 19.89 -20.09 2.50
CA GLU A 368 20.65 -19.46 3.61
C GLU A 368 19.74 -19.33 4.84
N GLY A 369 18.44 -19.08 4.67
CA GLY A 369 17.53 -18.99 5.82
C GLY A 369 17.40 -20.34 6.50
N VAL A 370 17.34 -21.42 5.71
CA VAL A 370 17.24 -22.80 6.23
C VAL A 370 18.55 -23.17 6.93
N ARG A 371 19.68 -22.81 6.32
CA ARG A 371 21.02 -23.08 6.93
C ARG A 371 21.08 -22.40 8.30
N TRP A 372 20.66 -21.14 8.39
CA TRP A 372 20.77 -20.36 9.64
C TRP A 372 19.91 -21.00 10.74
N VAL A 373 18.69 -21.36 10.40
CA VAL A 373 17.80 -22.03 11.39
C VAL A 373 18.45 -23.32 11.89
N GLU A 374 18.99 -24.13 10.99
CA GLU A 374 19.62 -25.44 11.34
C GLU A 374 20.78 -25.20 12.31
N ARG A 375 21.64 -24.24 12.02
CA ARG A 375 22.80 -23.96 12.91
C ARG A 375 22.31 -23.43 14.25
N CYS A 376 21.29 -22.58 14.25
CA CYS A 376 20.77 -22.06 15.53
C CYS A 376 20.23 -23.20 16.35
N VAL A 377 19.47 -24.09 15.73
CA VAL A 377 18.86 -25.25 16.45
C VAL A 377 19.99 -26.14 16.97
N GLN A 378 21.04 -26.37 16.19
CA GLN A 378 22.20 -27.20 16.60
C GLN A 378 22.80 -26.58 17.87
N SER A 379 23.05 -25.28 17.86
CA SER A 379 23.65 -24.56 19.02
C SER A 379 22.70 -24.62 20.21
N ALA A 380 21.43 -24.32 19.99
CA ALA A 380 20.43 -24.16 21.06
C ALA A 380 20.21 -25.52 21.73
N ASP A 381 20.12 -26.60 20.96
CA ASP A 381 19.92 -27.97 21.51
C ASP A 381 21.12 -28.35 22.37
N ARG A 382 22.30 -27.78 22.11
CA ARG A 382 23.54 -28.06 22.88
C ARG A 382 23.73 -27.07 24.03
N GLY A 383 22.71 -26.27 24.35
CA GLY A 383 22.72 -25.34 25.49
C GLY A 383 23.33 -23.99 25.14
N GLY A 384 23.32 -23.61 23.87
CA GLY A 384 23.74 -22.24 23.46
C GLY A 384 25.25 -22.13 23.40
N VAL A 385 25.92 -23.08 22.77
CA VAL A 385 27.39 -23.11 22.58
C VAL A 385 27.73 -22.61 21.16
N TRP A 386 28.92 -22.03 20.98
CA TRP A 386 29.39 -21.64 19.64
C TRP A 386 29.46 -22.86 18.73
N VAL A 387 28.98 -22.70 17.51
CA VAL A 387 29.12 -23.73 16.45
C VAL A 387 29.69 -23.06 15.22
N ASP A 388 30.48 -23.78 14.44
CA ASP A 388 30.99 -23.30 13.14
C ASP A 388 29.81 -23.15 12.18
N TYR A 389 29.78 -22.09 11.36
CA TYR A 389 28.63 -21.85 10.46
C TYR A 389 28.77 -22.69 9.19
N ILE B 2 -10.61 -8.57 4.15
CA ILE B 2 -10.63 -8.54 2.65
C ILE B 2 -9.67 -9.62 2.15
N ASN B 3 -10.11 -10.47 1.19
CA ASN B 3 -9.29 -11.62 0.70
C ASN B 3 -9.31 -11.66 -0.83
N GLY B 4 -9.81 -10.61 -1.49
CA GLY B 4 -9.79 -10.52 -2.96
C GLY B 4 -11.04 -11.09 -3.61
N SER B 5 -11.97 -11.63 -2.82
CA SER B 5 -13.33 -12.05 -3.26
C SER B 5 -13.95 -10.93 -4.06
N LYS B 6 -14.61 -11.23 -5.19
CA LYS B 6 -15.34 -10.19 -5.97
C LYS B 6 -16.48 -9.62 -5.11
N ARG B 7 -16.68 -8.32 -5.24
CA ARG B 7 -17.74 -7.55 -4.54
C ARG B 7 -18.92 -7.39 -5.49
N ILE B 8 -18.64 -7.34 -6.78
CA ILE B 8 -19.69 -7.24 -7.85
C ILE B 8 -19.43 -8.36 -8.84
N ALA B 9 -20.45 -8.72 -9.62
CA ALA B 9 -20.44 -9.94 -10.46
C ALA B 9 -19.33 -9.84 -11.52
N GLN B 10 -19.17 -8.67 -12.15
CA GLN B 10 -18.13 -8.47 -13.19
C GLN B 10 -17.51 -7.11 -12.98
N PRO B 11 -16.21 -6.91 -13.34
CA PRO B 11 -15.58 -5.60 -13.18
C PRO B 11 -16.33 -4.55 -13.99
N ILE B 12 -16.43 -3.32 -13.46
CA ILE B 12 -16.98 -2.14 -14.17
C ILE B 12 -16.07 -1.83 -15.35
N ARG B 13 -16.64 -1.63 -16.54
CA ARG B 13 -15.86 -1.27 -17.75
C ARG B 13 -15.46 0.20 -17.61
N TRP B 14 -14.16 0.49 -17.62
CA TRP B 14 -13.62 1.74 -17.03
C TRP B 14 -12.59 2.40 -17.97
N ALA B 15 -12.58 3.73 -17.94
CA ALA B 15 -11.59 4.60 -18.59
C ALA B 15 -11.04 5.61 -17.59
N MET B 16 -9.94 6.25 -17.95
CA MET B 16 -9.48 7.48 -17.29
C MET B 16 -9.36 8.59 -18.32
N VAL B 17 -9.65 9.80 -17.90
CA VAL B 17 -9.18 11.02 -18.59
C VAL B 17 -8.09 11.62 -17.71
N GLY B 18 -6.92 11.85 -18.28
CA GLY B 18 -5.72 12.25 -17.54
C GLY B 18 -5.06 11.05 -16.89
N GLY B 19 -4.14 11.30 -15.94
CA GLY B 19 -3.40 10.24 -15.24
C GLY B 19 -2.39 9.55 -16.13
N GLY B 20 -1.81 10.28 -17.09
CA GLY B 20 -0.88 9.71 -18.07
C GLY B 20 0.52 9.47 -17.53
N ARG B 21 1.46 9.26 -18.45
CA ARG B 21 2.78 8.65 -18.18
C ARG B 21 3.50 9.40 -17.05
N ASN B 22 3.47 10.73 -17.06
CA ASN B 22 4.30 11.56 -16.15
C ASN B 22 3.47 12.15 -15.00
N SER B 23 2.20 11.75 -14.89
CA SER B 23 1.27 12.37 -13.92
C SER B 23 1.68 11.94 -12.50
N GLN B 24 1.32 12.75 -11.51
CA GLN B 24 1.57 12.41 -10.09
C GLN B 24 0.56 11.37 -9.61
N ILE B 25 -0.70 11.49 -10.00
CA ILE B 25 -1.79 10.72 -9.31
C ILE B 25 -2.36 9.62 -10.21
N GLY B 26 -2.03 9.57 -11.49
CA GLY B 26 -2.67 8.60 -12.39
C GLY B 26 -2.53 7.17 -11.89
N TYR B 27 -1.36 6.79 -11.38
CA TYR B 27 -1.09 5.38 -11.05
C TYR B 27 -1.99 4.92 -9.89
N ILE B 28 -2.11 5.74 -8.85
CA ILE B 28 -2.86 5.25 -7.65
C ILE B 28 -4.31 4.99 -8.02
N HIS B 29 -4.88 5.77 -8.96
CA HIS B 29 -6.26 5.50 -9.46
C HIS B 29 -6.34 4.08 -10.00
N ARG B 30 -5.45 3.73 -10.90
CA ARG B 30 -5.49 2.42 -11.57
C ARG B 30 -5.14 1.31 -10.57
N SER B 31 -4.15 1.52 -9.72
CA SER B 31 -3.74 0.48 -8.74
C SER B 31 -4.97 0.15 -7.87
N ALA B 32 -5.73 1.15 -7.46
CA ALA B 32 -6.91 0.98 -6.57
C ALA B 32 -8.12 0.43 -7.34
N ALA B 33 -8.39 0.98 -8.53
CA ALA B 33 -9.57 0.60 -9.34
C ALA B 33 -9.43 -0.86 -9.83
N LEU B 34 -8.24 -1.27 -10.25
CA LEU B 34 -8.07 -2.61 -10.88
C LEU B 34 -8.08 -3.69 -9.81
N ARG B 35 -7.80 -3.32 -8.56
CA ARG B 35 -7.60 -4.30 -7.48
C ARG B 35 -8.90 -5.05 -7.19
N ASP B 36 -8.81 -6.36 -6.92
CA ASP B 36 -9.94 -7.17 -6.39
C ASP B 36 -11.11 -7.19 -7.37
N GLN B 37 -10.83 -7.04 -8.68
CA GLN B 37 -11.82 -7.20 -9.77
C GLN B 37 -12.92 -6.13 -9.69
N SER B 38 -12.63 -4.93 -9.20
CA SER B 38 -13.63 -3.82 -9.12
C SER B 38 -13.86 -3.23 -10.52
N PHE B 39 -12.79 -2.78 -11.16
CA PHE B 39 -12.82 -2.10 -12.48
C PHE B 39 -11.89 -2.84 -13.45
N ALA B 40 -12.18 -2.71 -14.73
CA ALA B 40 -11.29 -3.15 -15.84
C ALA B 40 -10.99 -1.93 -16.71
N LEU B 41 -9.71 -1.62 -16.92
CA LEU B 41 -9.31 -0.45 -17.74
C LEU B 41 -9.35 -0.86 -19.21
N VAL B 42 -10.33 -0.36 -19.95
CA VAL B 42 -10.59 -0.82 -21.36
C VAL B 42 -10.44 0.33 -22.35
N ALA B 43 -10.31 1.57 -21.88
CA ALA B 43 -10.18 2.75 -22.75
C ALA B 43 -9.58 3.90 -21.94
N GLY B 44 -9.14 4.96 -22.63
CA GLY B 44 -8.80 6.21 -21.95
C GLY B 44 -8.38 7.32 -22.89
N ALA B 45 -8.37 8.54 -22.37
CA ALA B 45 -7.70 9.71 -22.96
C ALA B 45 -6.68 10.19 -21.94
N PHE B 46 -5.52 9.53 -21.90
CA PHE B 46 -4.64 9.51 -20.71
C PHE B 46 -3.81 10.79 -20.63
N ASP B 47 -3.66 11.53 -21.74
CA ASP B 47 -2.65 12.60 -21.82
C ASP B 47 -3.22 13.81 -22.56
N ILE B 48 -2.74 15.00 -22.21
CA ILE B 48 -3.06 16.25 -22.96
C ILE B 48 -2.60 16.06 -24.41
N ASP B 49 -1.52 15.31 -24.61
CA ASP B 49 -0.96 14.97 -25.95
C ASP B 49 -1.48 13.61 -26.37
N PRO B 50 -2.32 13.53 -27.44
CA PRO B 50 -2.87 12.24 -27.88
C PRO B 50 -1.81 11.14 -28.11
N GLY B 51 -0.69 11.49 -28.73
CA GLY B 51 0.40 10.54 -29.03
C GLY B 51 0.99 9.92 -27.77
N ARG B 52 1.36 10.74 -26.78
CA ARG B 52 1.92 10.24 -25.49
C ARG B 52 0.83 9.44 -24.73
N GLY B 53 -0.44 9.82 -24.90
CA GLY B 53 -1.58 9.14 -24.24
C GLY B 53 -1.75 7.74 -24.79
N ARG B 54 -1.63 7.62 -26.11
CA ARG B 54 -1.79 6.33 -26.81
C ARG B 54 -0.57 5.44 -26.54
N GLU B 55 0.65 5.95 -26.60
CA GLU B 55 1.84 5.10 -26.32
C GLU B 55 1.75 4.58 -24.88
N PHE B 56 1.33 5.43 -23.95
CA PHE B 56 1.23 5.03 -22.52
C PHE B 56 0.08 4.02 -22.38
N GLY B 57 -1.05 4.30 -23.03
CA GLY B 57 -2.23 3.42 -22.99
C GLY B 57 -1.87 1.99 -23.38
N VAL B 58 -1.03 1.85 -24.41
CA VAL B 58 -0.63 0.52 -24.93
C VAL B 58 0.21 -0.18 -23.86
N GLN B 59 1.09 0.55 -23.18
CA GLN B 59 1.90 -0.03 -22.07
C GLN B 59 1.00 -0.48 -20.91
N LEU B 60 -0.17 0.15 -20.74
CA LEU B 60 -1.14 -0.23 -19.68
C LEU B 60 -1.98 -1.41 -20.13
N GLY B 61 -1.77 -1.91 -21.34
CA GLY B 61 -2.52 -3.07 -21.88
C GLY B 61 -3.85 -2.66 -22.48
N VAL B 62 -4.04 -1.36 -22.77
CA VAL B 62 -5.29 -0.84 -23.39
C VAL B 62 -5.20 -1.03 -24.91
N ASP B 63 -6.31 -1.44 -25.52
CA ASP B 63 -6.42 -1.55 -27.00
C ASP B 63 -6.01 -0.22 -27.63
N PRO B 64 -5.04 -0.19 -28.58
CA PRO B 64 -4.60 1.05 -29.20
C PRO B 64 -5.76 1.90 -29.76
N GLN B 65 -6.80 1.23 -30.26
CA GLN B 65 -8.00 1.91 -30.82
C GLN B 65 -8.91 2.44 -29.72
N ARG B 66 -8.67 2.11 -28.45
CA ARG B 66 -9.46 2.71 -27.34
C ARG B 66 -8.59 3.64 -26.50
N CYS B 67 -7.42 4.02 -27.03
CA CYS B 67 -6.65 5.19 -26.52
C CYS B 67 -7.03 6.40 -27.37
N TYR B 68 -7.92 7.23 -26.83
CA TYR B 68 -8.54 8.31 -27.62
C TYR B 68 -7.78 9.61 -27.39
N PRO B 69 -7.83 10.53 -28.37
CA PRO B 69 -7.12 11.80 -28.26
C PRO B 69 -7.65 12.74 -27.17
N ASP B 70 -8.92 12.63 -26.79
CA ASP B 70 -9.57 13.60 -25.88
C ASP B 70 -10.85 12.97 -25.31
N TYR B 71 -11.41 13.60 -24.28
CA TYR B 71 -12.56 13.05 -23.52
C TYR B 71 -13.82 13.00 -24.40
N ARG B 72 -14.01 14.00 -25.27
CA ARG B 72 -15.22 14.05 -26.14
C ARG B 72 -15.22 12.81 -27.04
N THR B 73 -14.12 12.60 -27.76
CA THR B 73 -13.90 11.42 -28.63
C THR B 73 -14.07 10.13 -27.82
N LEU B 74 -13.47 10.06 -26.63
CA LEU B 74 -13.60 8.85 -25.76
C LEU B 74 -15.09 8.54 -25.56
N PHE B 75 -15.88 9.51 -25.12
CA PHE B 75 -17.31 9.27 -24.76
C PHE B 75 -18.10 8.90 -26.02
N GLU B 76 -17.88 9.61 -27.12
CA GLU B 76 -18.60 9.41 -28.41
C GLU B 76 -18.29 8.02 -28.95
N GLN B 77 -17.01 7.69 -29.09
CA GLN B 77 -16.58 6.41 -29.71
C GLN B 77 -16.99 5.24 -28.81
N GLU B 78 -16.89 5.39 -27.48
CA GLU B 78 -17.25 4.28 -26.57
C GLU B 78 -18.76 4.03 -26.62
N ALA B 79 -19.57 5.07 -26.83
CA ALA B 79 -21.04 4.96 -26.91
C ALA B 79 -21.44 4.06 -28.09
N ARG B 80 -20.60 3.98 -29.13
CA ARG B 80 -20.85 3.22 -30.39
C ARG B 80 -20.43 1.74 -30.23
N ARG B 81 -19.97 1.34 -29.05
CA ARG B 81 -19.51 -0.05 -28.78
C ARG B 81 -20.49 -0.74 -27.84
N PRO B 82 -20.77 -2.05 -28.04
CA PRO B 82 -21.54 -2.81 -27.05
C PRO B 82 -20.78 -3.09 -25.75
N ASP B 83 -19.44 -2.99 -25.79
CA ASP B 83 -18.58 -3.18 -24.59
C ASP B 83 -18.03 -1.81 -24.15
N GLY B 84 -18.80 -0.74 -24.41
CA GLY B 84 -18.44 0.65 -24.09
C GLY B 84 -18.22 0.84 -22.59
N ILE B 85 -17.44 1.84 -22.22
CA ILE B 85 -17.17 2.10 -20.77
C ILE B 85 -18.50 2.38 -20.06
N GLN B 86 -18.58 1.99 -18.78
CA GLN B 86 -19.72 2.32 -17.89
C GLN B 86 -19.35 3.43 -16.93
N ALA B 87 -18.06 3.73 -16.76
CA ALA B 87 -17.57 4.69 -15.75
C ALA B 87 -16.24 5.27 -16.19
N VAL B 88 -15.94 6.48 -15.74
CA VAL B 88 -14.65 7.15 -16.07
C VAL B 88 -14.12 7.81 -14.79
N SER B 89 -12.81 7.76 -14.61
CA SER B 89 -12.11 8.53 -13.56
C SER B 89 -11.43 9.73 -14.22
N VAL B 90 -11.64 10.90 -13.63
CA VAL B 90 -11.15 12.19 -14.16
C VAL B 90 -10.00 12.63 -13.28
N ALA B 91 -8.79 12.57 -13.83
CA ALA B 91 -7.52 12.85 -13.14
C ALA B 91 -6.77 13.97 -13.87
N THR B 92 -7.51 14.90 -14.49
CA THR B 92 -6.90 16.06 -15.19
C THR B 92 -6.69 17.21 -14.21
N PRO B 93 -5.96 18.27 -14.60
CA PRO B 93 -5.90 19.49 -13.79
C PRO B 93 -7.30 20.02 -13.47
N ASN B 94 -7.39 20.80 -12.39
CA ASN B 94 -8.67 21.23 -11.78
C ASN B 94 -9.58 21.90 -12.83
N GLY B 95 -9.04 22.73 -13.73
CA GLY B 95 -9.82 23.58 -14.65
C GLY B 95 -10.70 22.80 -15.61
N THR B 96 -10.42 21.51 -15.81
CA THR B 96 -11.19 20.69 -16.77
C THR B 96 -12.14 19.72 -16.03
N HIS B 97 -12.14 19.67 -14.70
CA HIS B 97 -12.99 18.68 -13.98
C HIS B 97 -14.46 18.90 -14.36
N PHE B 98 -14.91 20.16 -14.37
CA PHE B 98 -16.34 20.47 -14.54
C PHE B 98 -16.82 19.96 -15.91
N ALA B 99 -16.13 20.38 -16.98
CA ALA B 99 -16.50 20.08 -18.39
C ALA B 99 -16.50 18.56 -18.62
N ILE B 100 -15.46 17.88 -18.14
CA ILE B 100 -15.29 16.41 -18.39
C ILE B 100 -16.36 15.66 -17.61
N THR B 101 -16.56 16.00 -16.34
CA THR B 101 -17.56 15.31 -15.49
C THR B 101 -18.95 15.54 -16.08
N ARG B 102 -19.29 16.77 -16.45
CA ARG B 102 -20.59 17.08 -17.07
C ARG B 102 -20.78 16.23 -18.34
N ALA B 103 -19.78 16.23 -19.23
CA ALA B 103 -19.81 15.46 -20.49
C ALA B 103 -20.06 13.98 -20.16
N ALA B 104 -19.33 13.43 -19.20
CA ALA B 104 -19.45 12.01 -18.80
C ALA B 104 -20.86 11.73 -18.26
N LEU B 105 -21.38 12.59 -17.40
CA LEU B 105 -22.74 12.41 -16.83
C LEU B 105 -23.79 12.43 -17.96
N GLU B 106 -23.66 13.37 -18.89
CA GLU B 106 -24.60 13.51 -20.05
C GLU B 106 -24.49 12.28 -20.95
N ALA B 107 -23.33 11.64 -21.03
CA ALA B 107 -23.13 10.41 -21.84
C ALA B 107 -23.62 9.18 -21.07
N GLY B 108 -24.22 9.36 -19.88
CA GLY B 108 -24.80 8.27 -19.08
C GLY B 108 -23.76 7.46 -18.30
N LEU B 109 -22.59 8.04 -18.02
CA LEU B 109 -21.47 7.36 -17.33
C LEU B 109 -21.46 7.73 -15.85
N HIS B 110 -21.14 6.76 -15.01
CA HIS B 110 -20.70 7.00 -13.61
C HIS B 110 -19.33 7.67 -13.66
N VAL B 111 -18.99 8.47 -12.64
CA VAL B 111 -17.75 9.27 -12.63
C VAL B 111 -17.08 9.13 -11.27
N VAL B 112 -15.76 8.98 -11.30
CA VAL B 112 -14.90 9.26 -10.12
C VAL B 112 -14.10 10.51 -10.48
N CYS B 113 -14.40 11.62 -9.82
CA CYS B 113 -13.75 12.90 -10.16
C CYS B 113 -12.68 13.20 -9.11
N GLU B 114 -11.53 13.70 -9.55
CA GLU B 114 -10.50 14.15 -8.61
C GLU B 114 -10.98 15.40 -7.88
N LYS B 115 -10.52 15.55 -6.64
CA LYS B 115 -10.68 16.79 -5.84
C LYS B 115 -9.72 17.84 -6.37
N PRO B 116 -10.01 19.15 -6.25
CA PRO B 116 -11.33 19.66 -5.86
C PRO B 116 -12.31 19.46 -7.02
N LEU B 117 -13.60 19.25 -6.74
CA LEU B 117 -14.60 18.88 -7.78
C LEU B 117 -14.55 19.90 -8.91
N CYS B 118 -14.62 21.18 -8.59
CA CYS B 118 -14.63 22.27 -9.60
C CYS B 118 -14.29 23.59 -8.92
N PHE B 119 -14.34 24.69 -9.66
CA PHE B 119 -13.95 26.05 -9.19
C PHE B 119 -15.06 26.69 -8.37
N THR B 120 -16.30 26.64 -8.85
CA THR B 120 -17.37 27.46 -8.23
C THR B 120 -18.46 26.54 -7.67
N LEU B 121 -19.15 27.05 -6.68
CA LEU B 121 -20.28 26.34 -6.03
C LEU B 121 -21.40 26.16 -7.03
N GLU B 122 -21.49 27.05 -8.00
CA GLU B 122 -22.55 26.97 -9.04
C GLU B 122 -22.27 25.78 -9.95
N GLU B 123 -21.03 25.64 -10.39
CA GLU B 123 -20.58 24.45 -11.16
C GLU B 123 -20.91 23.18 -10.37
N ALA B 124 -20.54 23.14 -9.08
CA ALA B 124 -20.73 21.96 -8.20
C ALA B 124 -22.21 21.58 -8.17
N GLU B 125 -23.10 22.56 -7.96
CA GLU B 125 -24.57 22.30 -7.84
C GLU B 125 -25.11 21.82 -9.19
N THR B 126 -24.55 22.32 -10.30
CA THR B 126 -24.92 21.87 -11.67
C THR B 126 -24.54 20.40 -11.81
N LEU B 127 -23.34 20.00 -11.40
CA LEU B 127 -22.93 18.57 -11.57
C LEU B 127 -23.86 17.71 -10.71
N ARG B 128 -24.20 18.18 -9.50
CA ARG B 128 -25.10 17.43 -8.59
C ARG B 128 -26.45 17.19 -9.27
N GLU B 129 -27.04 18.25 -9.86
CA GLU B 129 -28.35 18.18 -10.58
C GLU B 129 -28.25 17.15 -11.72
N ILE B 130 -27.22 17.25 -12.55
CA ILE B 130 -27.08 16.35 -13.73
C ILE B 130 -26.87 14.91 -13.24
N ALA B 131 -26.08 14.70 -12.19
CA ALA B 131 -25.82 13.34 -11.66
C ALA B 131 -27.13 12.75 -11.14
N LEU B 132 -27.97 13.58 -10.51
CA LEU B 132 -29.27 13.10 -9.99
C LEU B 132 -30.21 12.77 -11.16
N ALA B 133 -30.30 13.65 -12.14
CA ALA B 133 -31.22 13.50 -13.31
C ALA B 133 -30.88 12.22 -14.07
N ASN B 134 -29.58 11.90 -14.18
CA ASN B 134 -29.06 10.76 -14.99
C ASN B 134 -28.86 9.52 -14.11
N ASN B 135 -29.21 9.62 -12.81
CA ASN B 135 -29.11 8.49 -11.85
C ASN B 135 -27.68 7.92 -11.87
N ARG B 136 -26.66 8.77 -11.85
CA ARG B 136 -25.23 8.37 -11.90
C ARG B 136 -24.59 8.58 -10.52
N VAL B 137 -23.70 7.66 -10.16
CA VAL B 137 -22.78 7.81 -9.00
C VAL B 137 -21.67 8.77 -9.41
N VAL B 138 -21.30 9.68 -8.50
CA VAL B 138 -20.07 10.49 -8.63
C VAL B 138 -19.25 10.25 -7.35
N GLY B 139 -18.12 9.58 -7.49
CA GLY B 139 -17.15 9.46 -6.38
C GLY B 139 -16.18 10.60 -6.43
N VAL B 140 -15.63 10.99 -5.28
CA VAL B 140 -14.52 11.99 -5.22
C VAL B 140 -13.37 11.35 -4.44
N THR B 141 -12.14 11.49 -4.95
CA THR B 141 -10.97 10.77 -4.40
C THR B 141 -10.38 11.54 -3.21
N TYR B 142 -11.18 11.71 -2.16
CA TYR B 142 -10.67 12.08 -0.82
C TYR B 142 -10.06 10.80 -0.22
N GLY B 143 -8.93 10.36 -0.79
CA GLY B 143 -8.37 9.01 -0.61
C GLY B 143 -8.05 8.67 0.85
N TYR B 144 -7.65 9.67 1.64
CA TYR B 144 -7.22 9.43 3.04
C TYR B 144 -8.41 8.88 3.84
N ALA B 145 -9.63 9.11 3.37
CA ALA B 145 -10.86 8.65 4.10
C ALA B 145 -11.00 7.13 4.03
N GLY B 146 -10.22 6.46 3.15
CA GLY B 146 -10.26 4.99 3.05
C GLY B 146 -9.52 4.30 4.19
N HIS B 147 -8.69 5.03 4.95
CA HIS B 147 -7.94 4.42 6.06
C HIS B 147 -8.91 3.96 7.16
N GLN B 148 -8.79 2.72 7.58
CA GLN B 148 -9.68 2.07 8.57
C GLN B 148 -9.79 2.94 9.83
N LEU B 149 -8.70 3.56 10.29
CA LEU B 149 -8.76 4.22 11.63
C LEU B 149 -9.56 5.54 11.53
N ILE B 150 -9.85 6.05 10.35
CA ILE B 150 -10.81 7.17 10.21
C ILE B 150 -12.20 6.67 10.66
N GLU B 151 -12.59 5.48 10.22
CA GLU B 151 -13.89 4.84 10.62
C GLU B 151 -13.86 4.56 12.14
N GLN B 152 -12.72 4.12 12.67
CA GLN B 152 -12.55 3.94 14.14
C GLN B 152 -12.87 5.26 14.86
N ALA B 153 -12.26 6.38 14.42
CA ALA B 153 -12.47 7.70 15.04
C ALA B 153 -13.95 8.07 14.97
N ARG B 154 -14.59 7.85 13.82
CA ARG B 154 -16.02 8.21 13.62
C ARG B 154 -16.86 7.42 14.64
N ALA B 155 -16.58 6.13 14.79
CA ALA B 155 -17.35 5.21 15.66
C ALA B 155 -17.17 5.63 17.13
N MET B 156 -15.95 5.98 17.52
CA MET B 156 -15.65 6.38 18.91
C MET B 156 -16.38 7.67 19.25
N ILE B 157 -16.39 8.64 18.33
CA ILE B 157 -16.99 9.97 18.58
C ILE B 157 -18.50 9.76 18.73
N ALA B 158 -19.11 8.95 17.87
CA ALA B 158 -20.58 8.71 17.89
C ALA B 158 -20.97 8.03 19.20
N ASP B 159 -20.06 7.21 19.71
CA ASP B 159 -20.25 6.41 20.95
C ASP B 159 -20.01 7.30 22.18
N GLY B 160 -19.58 8.54 21.99
CA GLY B 160 -19.33 9.50 23.10
C GLY B 160 -18.01 9.25 23.83
N GLU B 161 -17.08 8.52 23.23
CA GLU B 161 -15.80 8.16 23.91
C GLU B 161 -14.94 9.40 24.14
N LEU B 162 -15.15 10.50 23.40
CA LEU B 162 -14.37 11.75 23.63
C LEU B 162 -15.13 12.71 24.55
N GLY B 163 -16.34 12.35 24.96
CA GLY B 163 -17.23 13.31 25.64
C GLY B 163 -17.80 14.28 24.63
N GLU B 164 -18.07 15.51 25.05
CA GLU B 164 -18.64 16.55 24.16
C GLU B 164 -17.50 17.13 23.30
N ILE B 165 -17.70 17.21 22.00
CA ILE B 165 -16.63 17.70 21.09
C ILE B 165 -16.48 19.21 21.25
N ARG B 166 -15.26 19.68 21.42
CA ARG B 166 -14.99 21.11 21.67
C ARG B 166 -14.19 21.70 20.51
N MET B 167 -13.21 20.96 20.00
CA MET B 167 -12.33 21.53 18.96
C MET B 167 -11.96 20.47 17.92
N VAL B 168 -11.80 20.95 16.69
CA VAL B 168 -11.30 20.12 15.57
C VAL B 168 -10.13 20.87 14.94
N HIS B 169 -8.93 20.31 15.05
CA HIS B 169 -7.69 20.97 14.57
C HIS B 169 -7.16 20.18 13.39
N MET B 170 -7.06 20.84 12.24
CA MET B 170 -6.74 20.17 10.97
C MET B 170 -5.54 20.87 10.35
N GLN B 171 -4.63 20.11 9.78
CA GLN B 171 -3.62 20.74 8.91
C GLN B 171 -3.35 19.80 7.76
N PHE B 172 -2.94 20.39 6.66
CA PHE B 172 -2.16 19.69 5.62
C PHE B 172 -1.12 20.70 5.20
N ALA B 173 0.07 20.56 5.77
CA ALA B 173 1.10 21.61 5.68
C ALA B 173 2.43 20.94 5.31
N HIS B 174 2.71 20.87 4.02
CA HIS B 174 3.97 20.28 3.49
C HIS B 174 4.90 21.41 3.05
N GLY B 175 6.16 21.08 2.77
CA GLY B 175 7.18 22.08 2.41
C GLY B 175 7.62 22.01 0.96
N PHE B 176 7.01 21.17 0.13
CA PHE B 176 7.55 20.90 -1.23
C PHE B 176 7.59 22.17 -2.08
N HIS B 177 6.77 23.18 -1.81
CA HIS B 177 6.77 24.40 -2.64
C HIS B 177 7.28 25.62 -1.86
N SER B 178 8.14 25.41 -0.86
CA SER B 178 8.83 26.52 -0.15
C SER B 178 9.64 27.35 -1.14
N ALA B 179 10.27 26.69 -2.11
CA ALA B 179 11.04 27.33 -3.20
C ALA B 179 10.18 27.42 -4.45
N PRO B 180 10.45 28.35 -5.39
CA PRO B 180 9.66 28.47 -6.61
C PRO B 180 10.00 27.37 -7.62
N VAL B 181 9.55 26.15 -7.32
CA VAL B 181 9.86 24.92 -8.11
C VAL B 181 8.91 24.82 -9.32
N GLU B 182 7.87 25.67 -9.38
CA GLU B 182 6.90 25.68 -10.50
C GLU B 182 7.61 26.07 -11.81
N GLY B 183 8.73 26.80 -11.73
CA GLY B 183 9.58 27.07 -12.90
C GLY B 183 9.92 25.77 -13.61
N GLN B 184 10.20 24.72 -12.81
CA GLN B 184 10.79 23.44 -13.25
C GLN B 184 9.77 22.28 -13.33
N ASN B 185 8.56 22.38 -12.73
CA ASN B 185 7.71 21.19 -12.37
C ASN B 185 6.28 21.48 -12.86
N GLU B 186 5.85 20.76 -13.89
CA GLU B 186 4.58 21.02 -14.63
C GLU B 186 3.39 20.94 -13.65
N ALA B 187 3.39 19.96 -12.75
CA ALA B 187 2.30 19.70 -11.77
C ALA B 187 2.14 20.90 -10.84
N THR B 188 3.26 21.46 -10.36
CA THR B 188 3.28 22.69 -9.54
C THR B 188 2.84 23.86 -10.43
N LYS B 189 3.29 23.88 -11.69
CA LYS B 189 3.05 25.05 -12.59
C LYS B 189 1.56 25.32 -12.68
N TRP B 190 0.73 24.33 -13.02
CA TRP B 190 -0.71 24.59 -13.26
C TRP B 190 -1.40 24.95 -11.94
N ARG B 191 -0.93 24.37 -10.83
CA ARG B 191 -1.50 24.64 -9.48
C ARG B 191 -1.40 26.13 -9.15
N VAL B 192 -0.41 26.86 -9.68
CA VAL B 192 -0.23 28.30 -9.33
C VAL B 192 -0.75 29.22 -10.45
N ASP B 193 -1.66 28.75 -11.32
CA ASP B 193 -2.30 29.56 -12.39
C ASP B 193 -3.82 29.55 -12.22
N PRO B 194 -4.48 30.70 -11.92
CA PRO B 194 -5.92 30.69 -11.66
C PRO B 194 -6.76 30.01 -12.75
N ARG B 195 -6.37 30.17 -14.03
CA ARG B 195 -7.09 29.66 -15.22
C ARG B 195 -7.20 28.13 -15.14
N LEU B 196 -6.21 27.50 -14.51
CA LEU B 196 -5.98 26.03 -14.50
C LEU B 196 -6.35 25.45 -13.14
N ALA B 197 -6.01 26.15 -12.04
CA ALA B 197 -6.11 25.69 -10.63
C ALA B 197 -7.38 26.24 -9.98
N GLY B 198 -7.78 27.47 -10.31
CA GLY B 198 -9.08 28.04 -9.87
C GLY B 198 -8.91 29.26 -8.98
N PRO B 199 -9.83 29.48 -8.02
CA PRO B 199 -9.77 30.62 -7.11
C PRO B 199 -8.72 30.48 -6.01
N SER B 200 -8.21 29.26 -5.76
CA SER B 200 -7.22 29.04 -4.68
C SER B 200 -6.14 28.06 -5.12
N TYR B 201 -5.04 28.03 -4.37
CA TYR B 201 -4.06 26.92 -4.48
C TYR B 201 -4.23 25.99 -3.27
N VAL B 202 -3.58 26.25 -2.13
CA VAL B 202 -3.47 25.20 -1.07
C VAL B 202 -4.83 24.95 -0.39
N LEU B 203 -5.73 25.92 -0.31
CA LEU B 203 -7.04 25.68 0.35
C LEU B 203 -7.72 24.51 -0.36
N GLY B 204 -7.81 24.56 -1.70
CA GLY B 204 -8.43 23.48 -2.49
C GLY B 204 -7.51 22.27 -2.63
N ASP B 205 -6.20 22.49 -2.77
CA ASP B 205 -5.26 21.41 -3.13
C ASP B 205 -5.04 20.49 -1.92
N VAL B 206 -4.86 21.04 -0.71
CA VAL B 206 -4.53 20.21 0.48
C VAL B 206 -5.51 20.47 1.64
N GLY B 207 -6.02 21.68 1.81
CA GLY B 207 -6.90 21.99 2.96
C GLY B 207 -8.16 21.14 2.97
N THR B 208 -8.71 20.85 1.79
CA THR B 208 -9.97 20.09 1.68
C THR B 208 -9.80 18.66 2.14
N HIS B 209 -8.59 18.10 2.19
CA HIS B 209 -8.37 16.69 2.62
C HIS B 209 -8.76 16.51 4.09
N PRO B 210 -8.11 17.19 5.06
CA PRO B 210 -8.43 16.96 6.45
C PRO B 210 -9.82 17.54 6.79
N LEU B 211 -10.26 18.55 6.03
CA LEU B 211 -11.66 19.03 6.14
C LEU B 211 -12.61 17.85 5.89
N TYR B 212 -12.41 17.09 4.82
CA TYR B 212 -13.30 15.93 4.54
C TYR B 212 -13.16 14.88 5.65
N LEU B 213 -11.96 14.69 6.20
CA LEU B 213 -11.82 13.74 7.34
C LEU B 213 -12.70 14.20 8.50
N SER B 214 -12.81 15.51 8.74
CA SER B 214 -13.66 16.05 9.83
C SER B 214 -15.14 15.76 9.53
N GLU B 215 -15.54 15.82 8.26
CA GLU B 215 -16.94 15.52 7.89
C GLU B 215 -17.23 14.03 8.07
N VAL B 216 -16.24 13.17 7.88
CA VAL B 216 -16.44 11.71 8.13
C VAL B 216 -16.52 11.47 9.63
N MET B 217 -15.65 12.07 10.42
CA MET B 217 -15.61 11.82 11.89
C MET B 217 -16.79 12.50 12.61
N LEU B 218 -17.25 13.65 12.11
CA LEU B 218 -18.28 14.50 12.76
C LEU B 218 -19.37 14.82 11.75
N PRO B 219 -20.13 13.82 11.26
CA PRO B 219 -21.07 14.02 10.16
C PRO B 219 -22.18 15.03 10.50
N GLU B 220 -22.47 15.27 11.78
CA GLU B 220 -23.61 16.13 12.19
C GLU B 220 -23.13 17.55 12.50
N PHE B 221 -21.82 17.79 12.50
CA PHE B 221 -21.26 19.15 12.69
C PHE B 221 -21.65 20.00 11.49
N ARG B 222 -22.02 21.25 11.76
CA ARG B 222 -22.33 22.24 10.70
C ARG B 222 -21.52 23.49 11.00
N ILE B 223 -20.73 23.93 10.03
CA ILE B 223 -19.97 25.18 10.17
C ILE B 223 -20.97 26.34 10.16
N LYS B 224 -20.89 27.21 11.15
CA LYS B 224 -21.80 28.38 11.26
C LYS B 224 -21.15 29.52 10.49
N ARG B 225 -19.88 29.79 10.79
CA ARG B 225 -19.16 30.92 10.16
C ARG B 225 -17.66 30.63 10.18
N LEU B 226 -16.94 31.31 9.30
CA LEU B 226 -15.48 31.11 9.26
C LEU B 226 -14.78 32.40 8.85
N MET B 227 -13.48 32.41 9.09
CA MET B 227 -12.61 33.47 8.56
C MET B 227 -11.38 32.79 8.00
N CYS B 228 -10.76 33.42 7.03
CA CYS B 228 -9.56 32.85 6.40
C CYS B 228 -8.60 33.97 6.07
N SER B 229 -7.35 33.81 6.51
CA SER B 229 -6.21 34.70 6.18
C SER B 229 -5.26 33.88 5.34
N ARG B 230 -4.95 34.36 4.12
CA ARG B 230 -4.20 33.54 3.16
C ARG B 230 -3.02 34.36 2.68
N GLN B 231 -1.91 33.69 2.40
CA GLN B 231 -0.67 34.40 2.01
C GLN B 231 -0.11 33.75 0.76
N SER B 232 0.57 34.58 -0.03
CA SER B 232 1.40 34.13 -1.17
C SER B 232 2.86 34.36 -0.78
N PHE B 233 3.49 33.43 -0.07
CA PHE B 233 4.87 33.66 0.41
C PHE B 233 5.81 33.69 -0.79
N VAL B 234 5.56 32.86 -1.79
CA VAL B 234 6.26 33.00 -3.11
C VAL B 234 5.42 33.99 -3.90
N LYS B 235 5.84 35.26 -3.87
CA LYS B 235 5.02 36.44 -4.24
C LYS B 235 4.43 36.28 -5.65
N SER B 236 5.15 35.62 -6.55
CA SER B 236 4.73 35.41 -7.97
C SER B 236 3.44 34.58 -8.05
N ARG B 237 3.11 33.82 -7.01
CA ARG B 237 1.87 33.00 -6.96
C ARG B 237 0.62 33.87 -6.76
N ALA B 238 0.75 35.06 -6.16
CA ALA B 238 -0.40 35.93 -5.87
C ALA B 238 -1.17 36.13 -7.18
N PRO B 239 -2.52 36.05 -7.17
CA PRO B 239 -3.32 35.99 -5.95
C PRO B 239 -3.57 34.62 -5.29
N LEU B 240 -3.05 33.53 -5.85
CA LEU B 240 -3.27 32.18 -5.26
C LEU B 240 -2.38 32.03 -4.02
N GLU B 241 -2.92 31.40 -2.99
CA GLU B 241 -2.25 31.31 -1.67
C GLU B 241 -1.43 30.02 -1.60
N ASP B 242 -0.22 30.10 -1.04
CA ASP B 242 0.57 28.88 -0.71
C ASP B 242 0.52 28.61 0.80
N ASN B 243 -0.24 29.41 1.54
CA ASN B 243 -0.41 29.26 3.01
C ASN B 243 -1.76 29.86 3.39
N ALA B 244 -2.48 29.26 4.33
CA ALA B 244 -3.77 29.84 4.78
C ALA B 244 -4.13 29.32 6.16
N TYR B 245 -4.82 30.16 6.90
CA TYR B 245 -5.39 29.83 8.23
C TYR B 245 -6.89 30.00 8.12
N THR B 246 -7.64 28.95 8.39
CA THR B 246 -9.11 29.03 8.40
C THR B 246 -9.58 28.74 9.82
N LEU B 247 -10.22 29.70 10.44
CA LEU B 247 -10.79 29.49 11.78
C LEU B 247 -12.30 29.40 11.62
N MET B 248 -12.92 28.41 12.24
CA MET B 248 -14.35 28.15 12.01
C MET B 248 -15.07 28.05 13.35
N GLU B 249 -16.28 28.59 13.40
CA GLU B 249 -17.21 28.33 14.52
C GLU B 249 -18.30 27.39 14.03
N TYR B 250 -18.44 26.23 14.67
CA TYR B 250 -19.54 25.27 14.42
C TYR B 250 -20.78 25.73 15.18
N GLU B 251 -21.94 25.38 14.65
CA GLU B 251 -23.25 25.43 15.38
C GLU B 251 -23.07 24.60 16.65
N GLY B 252 -23.37 25.13 17.83
CA GLY B 252 -23.16 24.39 19.09
C GLY B 252 -21.97 24.94 19.87
N GLY B 253 -21.06 25.66 19.20
CA GLY B 253 -19.99 26.43 19.87
C GLY B 253 -18.62 25.76 19.80
N ALA B 254 -18.50 24.56 19.24
CA ALA B 254 -17.17 23.95 18.93
C ALA B 254 -16.42 24.84 17.93
N MET B 255 -15.10 24.77 17.95
CA MET B 255 -14.24 25.58 17.06
C MET B 255 -13.49 24.64 16.12
N GLY B 256 -13.21 25.10 14.91
CA GLY B 256 -12.38 24.32 13.99
C GLY B 256 -11.25 25.19 13.49
N LEU B 257 -10.10 24.62 13.23
CA LEU B 257 -8.93 25.35 12.70
C LEU B 257 -8.36 24.51 11.55
N VAL B 258 -8.15 25.12 10.39
CA VAL B 258 -7.43 24.43 9.30
C VAL B 258 -6.19 25.24 8.95
N TRP B 259 -5.03 24.60 9.00
CA TRP B 259 -3.79 25.20 8.48
C TRP B 259 -3.47 24.50 7.15
N SER B 260 -3.55 25.23 6.05
CA SER B 260 -3.23 24.70 4.70
C SER B 260 -1.90 25.28 4.27
N SER B 261 -0.95 24.47 3.84
CA SER B 261 0.36 25.05 3.46
C SER B 261 1.11 24.16 2.47
N ALA B 262 1.84 24.81 1.58
CA ALA B 262 2.82 24.15 0.68
C ALA B 262 4.20 24.74 0.92
N VAL B 263 4.35 25.57 1.96
CA VAL B 263 5.62 26.27 2.28
C VAL B 263 6.03 25.97 3.73
N ASN B 264 5.57 24.87 4.29
CA ASN B 264 6.00 24.43 5.64
C ASN B 264 7.35 23.70 5.47
N ALA B 265 8.43 24.46 5.29
CA ALA B 265 9.75 23.93 4.88
C ALA B 265 10.17 22.77 5.79
N GLY B 266 10.57 21.64 5.20
CA GLY B 266 11.02 20.46 5.96
C GLY B 266 9.92 19.44 6.21
N SER B 267 8.65 19.82 6.01
CA SER B 267 7.52 18.90 6.30
C SER B 267 7.30 18.00 5.09
N MET B 268 7.26 16.69 5.34
CA MET B 268 7.16 15.69 4.27
C MET B 268 5.72 15.57 3.78
N HIS B 269 4.72 16.01 4.58
CA HIS B 269 3.28 15.89 4.23
C HIS B 269 2.48 16.63 5.29
N GLY B 270 2.59 16.18 6.54
CA GLY B 270 2.02 16.92 7.69
C GLY B 270 0.51 17.07 7.59
N GLN B 271 -0.19 16.03 7.16
CA GLN B 271 -1.67 16.05 7.23
C GLN B 271 -2.05 15.47 8.58
N LYS B 272 -2.68 16.27 9.43
CA LYS B 272 -3.06 15.79 10.78
C LYS B 272 -4.45 16.30 11.13
N ILE B 273 -5.19 15.49 11.88
CA ILE B 273 -6.49 15.94 12.46
C ILE B 273 -6.49 15.53 13.94
N ARG B 274 -6.78 16.49 14.81
CA ARG B 274 -6.96 16.27 16.26
C ARG B 274 -8.39 16.65 16.60
N VAL B 275 -9.16 15.70 17.12
CA VAL B 275 -10.53 15.99 17.61
C VAL B 275 -10.45 16.03 19.13
N ILE B 276 -10.82 17.16 19.71
CA ILE B 276 -10.67 17.40 21.17
C ILE B 276 -12.06 17.46 21.79
N GLY B 277 -12.31 16.56 22.73
CA GLY B 277 -13.58 16.50 23.47
C GLY B 277 -13.38 16.85 24.93
N SER B 278 -14.47 16.88 25.68
CA SER B 278 -14.43 17.20 27.12
C SER B 278 -13.67 16.12 27.88
N ARG B 279 -13.64 14.87 27.40
CA ARG B 279 -13.04 13.73 28.14
C ARG B 279 -11.70 13.34 27.52
N ALA B 280 -11.55 13.47 26.21
CA ALA B 280 -10.40 12.88 25.51
C ALA B 280 -10.22 13.48 24.12
N SER B 281 -9.05 13.22 23.55
CA SER B 281 -8.66 13.65 22.20
C SER B 281 -8.29 12.43 21.36
N LEU B 282 -8.46 12.56 20.06
CA LEU B 282 -7.97 11.60 19.03
C LEU B 282 -7.07 12.39 18.09
N GLU B 283 -6.02 11.77 17.57
CA GLU B 283 -5.17 12.46 16.59
C GLU B 283 -4.68 11.45 15.59
N TRP B 284 -4.86 11.79 14.33
CA TRP B 284 -4.43 10.93 13.19
C TRP B 284 -3.48 11.73 12.30
N TRP B 285 -2.46 11.04 11.80
CA TRP B 285 -1.40 11.66 10.97
C TRP B 285 -1.20 10.80 9.72
N ASP B 286 -1.36 11.39 8.54
CA ASP B 286 -1.45 10.63 7.26
C ASP B 286 -0.18 9.82 7.02
N GLU B 287 0.98 10.26 7.50
CA GLU B 287 2.26 9.59 7.17
C GLU B 287 2.40 8.31 8.00
N HIS B 288 1.63 8.20 9.09
CA HIS B 288 1.59 7.01 9.97
C HIS B 288 0.14 6.62 10.12
N PRO B 289 -0.50 6.17 9.01
CA PRO B 289 -1.95 6.04 8.94
C PRO B 289 -2.49 4.84 9.71
N ASN B 290 -1.62 3.92 10.11
CA ASN B 290 -2.02 2.67 10.81
C ASN B 290 -2.14 2.89 12.32
N GLN B 291 -1.90 4.10 12.84
CA GLN B 291 -2.02 4.41 14.28
C GLN B 291 -3.02 5.53 14.50
N LEU B 292 -3.70 5.50 15.65
CA LEU B 292 -4.60 6.59 16.07
C LEU B 292 -4.30 6.89 17.54
N ALA B 293 -3.84 8.10 17.83
CA ALA B 293 -3.60 8.52 19.22
C ALA B 293 -4.96 8.71 19.89
N PHE B 294 -5.13 8.13 21.06
CA PHE B 294 -6.36 8.27 21.86
C PHE B 294 -5.93 8.65 23.27
N GLU B 295 -6.24 9.89 23.68
CA GLU B 295 -5.66 10.50 24.90
C GLU B 295 -6.79 10.97 25.81
N ILE B 296 -7.12 10.11 26.76
CA ILE B 296 -8.16 10.42 27.80
C ILE B 296 -7.48 11.31 28.84
N GLN B 297 -8.05 12.47 29.14
CA GLN B 297 -7.46 13.34 30.19
C GLN B 297 -7.36 12.58 31.51
N GLY B 298 -6.20 12.62 32.15
CA GLY B 298 -6.03 12.00 33.49
C GLY B 298 -5.57 10.56 33.40
N GLN B 299 -5.47 10.01 32.19
CA GLN B 299 -5.10 8.60 31.98
C GLN B 299 -3.85 8.57 31.11
N PRO B 300 -3.11 7.44 31.06
CA PRO B 300 -2.02 7.29 30.12
C PRO B 300 -2.49 7.46 28.67
N VAL B 301 -1.73 8.19 27.85
CA VAL B 301 -2.03 8.24 26.40
C VAL B 301 -2.03 6.81 25.86
N GLN B 302 -2.81 6.57 24.82
CA GLN B 302 -2.85 5.27 24.14
C GLN B 302 -2.58 5.47 22.64
N VAL B 303 -2.16 4.41 21.98
CA VAL B 303 -2.15 4.35 20.49
C VAL B 303 -3.03 3.17 20.07
N LEU B 304 -4.03 3.45 19.24
CA LEU B 304 -4.89 2.39 18.65
C LEU B 304 -4.25 1.95 17.33
N GLU B 305 -4.13 0.64 17.11
CA GLU B 305 -3.41 0.07 15.94
C GLU B 305 -4.43 -0.54 14.98
N ARG B 306 -4.22 -0.34 13.69
CA ARG B 306 -5.05 -0.97 12.64
C ARG B 306 -5.09 -2.47 12.88
N GLY B 307 -6.27 -3.06 12.76
CA GLY B 307 -6.42 -4.53 12.72
C GLY B 307 -6.55 -5.18 14.08
N MET B 308 -6.55 -4.41 15.19
CA MET B 308 -6.61 -5.02 16.52
C MET B 308 -8.06 -5.25 16.97
N GLY B 309 -8.28 -6.34 17.70
CA GLY B 309 -9.62 -6.78 18.15
C GLY B 309 -10.35 -5.76 19.03
N TYR B 310 -9.66 -4.77 19.61
CA TYR B 310 -10.30 -3.73 20.45
C TYR B 310 -10.99 -2.64 19.60
N LEU B 311 -10.76 -2.62 18.28
CA LEU B 311 -11.38 -1.62 17.38
C LEU B 311 -12.87 -1.91 17.22
N HIS B 312 -13.63 -0.90 16.81
CA HIS B 312 -15.05 -1.09 16.41
C HIS B 312 -15.12 -2.00 15.19
N PRO B 313 -16.18 -2.83 15.06
CA PRO B 313 -16.26 -3.78 13.96
C PRO B 313 -16.15 -3.14 12.57
N GLY B 314 -16.67 -1.91 12.41
CA GLY B 314 -16.64 -1.21 11.12
C GLY B 314 -15.21 -0.90 10.69
N ALA B 315 -14.30 -0.79 11.67
CA ALA B 315 -12.91 -0.36 11.40
C ALA B 315 -12.06 -1.59 11.05
N LEU B 316 -12.60 -2.79 11.21
CA LEU B 316 -11.88 -4.05 10.90
C LEU B 316 -12.29 -4.59 9.52
N LEU B 317 -13.36 -4.09 8.93
CA LEU B 317 -13.93 -4.71 7.70
C LEU B 317 -12.88 -4.74 6.59
N ASP B 318 -12.11 -3.66 6.42
CA ASP B 318 -11.26 -3.48 5.22
C ASP B 318 -9.83 -3.97 5.43
N ASP B 319 -9.51 -4.61 6.56
CA ASP B 319 -8.14 -5.13 6.80
C ASP B 319 -7.79 -6.17 5.73
N ARG B 320 -6.65 -5.95 5.07
CA ARG B 320 -6.16 -6.83 3.98
C ARG B 320 -5.02 -7.72 4.48
N ILE B 321 -4.52 -7.47 5.70
CA ILE B 321 -3.41 -8.25 6.29
C ILE B 321 -3.46 -7.98 7.79
N GLY B 322 -3.00 -8.94 8.58
CA GLY B 322 -3.06 -8.89 10.05
C GLY B 322 -2.40 -7.65 10.61
N ALA B 323 -2.84 -7.26 11.80
CA ALA B 323 -2.30 -6.11 12.57
C ALA B 323 -0.77 -6.16 12.62
N GLY B 324 -0.11 -5.01 12.52
CA GLY B 324 1.35 -4.93 12.70
C GLY B 324 2.05 -4.82 11.36
N HIS B 325 1.44 -5.36 10.31
CA HIS B 325 1.93 -5.22 8.91
C HIS B 325 1.44 -3.87 8.42
N PRO B 326 2.31 -2.95 7.97
CA PRO B 326 1.84 -1.64 7.57
C PRO B 326 1.06 -1.67 6.23
N GLU B 327 -0.19 -1.25 6.27
CA GLU B 327 -0.93 -0.83 5.07
C GLU B 327 -0.50 0.59 4.75
N GLY B 328 -0.86 1.07 3.57
CA GLY B 328 -0.51 2.43 3.14
C GLY B 328 -1.62 3.08 2.36
N LEU B 329 -1.30 4.19 1.70
CA LEU B 329 -2.35 5.03 1.05
C LEU B 329 -3.01 4.24 -0.10
N PHE B 330 -2.30 3.28 -0.70
CA PHE B 330 -2.88 2.45 -1.78
C PHE B 330 -4.03 1.61 -1.23
N GLU B 331 -3.94 1.13 0.01
CA GLU B 331 -5.04 0.36 0.63
C GLU B 331 -6.23 1.32 0.83
N ALA B 332 -5.98 2.54 1.30
CA ALA B 332 -7.04 3.55 1.54
C ALA B 332 -7.78 3.82 0.22
N TRP B 333 -7.05 3.99 -0.87
CA TRP B 333 -7.68 4.28 -2.18
C TRP B 333 -8.46 3.07 -2.67
N SER B 334 -7.95 1.86 -2.45
CA SER B 334 -8.62 0.59 -2.81
C SER B 334 -9.94 0.47 -2.04
N ASN B 335 -9.94 0.92 -0.79
CA ASN B 335 -11.15 0.86 0.07
C ASN B 335 -12.21 1.83 -0.49
N LEU B 336 -11.82 2.95 -1.11
CA LEU B 336 -12.80 3.87 -1.71
C LEU B 336 -13.27 3.29 -3.06
N TYR B 337 -12.33 2.82 -3.88
CA TYR B 337 -12.66 2.35 -5.24
C TYR B 337 -13.57 1.12 -5.19
N TYR B 338 -13.42 0.17 -4.26
CA TYR B 338 -14.34 -1.01 -4.26
C TYR B 338 -15.76 -0.51 -3.94
N ARG B 339 -15.87 0.49 -3.07
CA ARG B 339 -17.17 1.11 -2.69
C ARG B 339 -17.75 1.80 -3.91
N PHE B 340 -16.92 2.54 -4.66
CA PHE B 340 -17.35 3.20 -5.90
C PHE B 340 -17.97 2.13 -6.81
N ALA B 341 -17.29 0.99 -6.96
CA ALA B 341 -17.73 -0.09 -7.87
C ALA B 341 -19.05 -0.66 -7.37
N MET B 342 -19.16 -0.93 -6.07
CA MET B 342 -20.40 -1.47 -5.47
C MET B 342 -21.56 -0.48 -5.67
N ALA B 343 -21.28 0.82 -5.60
CA ALA B 343 -22.30 1.89 -5.74
C ALA B 343 -22.78 1.92 -7.19
N MET B 344 -21.85 1.83 -8.12
CA MET B 344 -22.15 1.92 -9.55
C MET B 344 -22.95 0.68 -9.98
N ASP B 345 -22.51 -0.49 -9.54
CA ASP B 345 -23.18 -1.79 -9.83
C ASP B 345 -24.59 -1.76 -9.22
N ALA B 346 -24.69 -1.33 -7.95
CA ALA B 346 -25.98 -1.29 -7.21
C ALA B 346 -26.95 -0.37 -7.97
N THR B 347 -26.47 0.74 -8.50
CA THR B 347 -27.28 1.68 -9.32
C THR B 347 -27.79 0.96 -10.57
N GLU B 348 -26.91 0.29 -11.31
CA GLU B 348 -27.27 -0.41 -12.57
C GLU B 348 -28.33 -1.47 -12.29
N ARG B 349 -28.19 -2.23 -11.18
CA ARG B 349 -29.16 -3.27 -10.75
C ARG B 349 -30.35 -2.65 -10.01
N GLY B 350 -30.42 -1.32 -9.92
CA GLY B 350 -31.40 -0.58 -9.09
C GLY B 350 -31.56 -1.17 -7.69
N ASP B 351 -30.46 -1.37 -6.95
CA ASP B 351 -30.46 -1.92 -5.57
C ASP B 351 -30.36 -0.75 -4.56
N GLY B 352 -31.47 -0.05 -4.34
CA GLY B 352 -31.56 1.10 -3.41
C GLY B 352 -31.07 0.75 -2.01
N ALA B 353 -31.33 -0.48 -1.55
CA ALA B 353 -30.96 -0.96 -0.20
C ALA B 353 -29.44 -0.98 -0.02
N LEU B 354 -28.70 -1.61 -0.94
CA LEU B 354 -27.21 -1.63 -0.89
C LEU B 354 -26.68 -0.20 -0.95
N LEU B 355 -27.27 0.63 -1.82
CA LEU B 355 -26.82 2.02 -2.08
C LEU B 355 -26.94 2.86 -0.80
N ALA B 356 -27.93 2.57 0.04
CA ALA B 356 -28.21 3.31 1.29
C ALA B 356 -27.20 2.94 2.38
N GLY B 357 -26.68 1.71 2.34
CA GLY B 357 -25.74 1.19 3.36
C GLY B 357 -24.31 1.63 3.08
N LEU B 358 -24.01 2.06 1.85
CA LEU B 358 -22.63 2.43 1.41
C LEU B 358 -22.31 3.88 1.81
N ARG B 359 -21.11 4.08 2.33
CA ARG B 359 -20.56 5.42 2.65
C ARG B 359 -19.25 5.57 1.92
N TYR B 360 -19.15 6.60 1.09
CA TYR B 360 -17.95 6.90 0.29
C TYR B 360 -18.00 8.39 -0.01
N PRO B 361 -16.86 9.04 -0.32
CA PRO B 361 -16.89 10.45 -0.71
C PRO B 361 -17.59 10.56 -2.07
N ASP B 362 -18.68 11.30 -2.09
CA ASP B 362 -19.66 11.29 -3.22
C ASP B 362 -19.86 12.74 -3.70
N ILE B 363 -20.87 12.96 -4.55
CA ILE B 363 -21.10 14.31 -5.15
C ILE B 363 -21.25 15.34 -4.03
N HIS B 364 -21.90 14.97 -2.93
CA HIS B 364 -22.21 15.90 -1.80
C HIS B 364 -20.92 16.28 -1.07
N ALA B 365 -20.01 15.33 -0.88
CA ALA B 365 -18.69 15.63 -0.28
C ALA B 365 -17.93 16.58 -1.22
N GLY B 366 -18.04 16.35 -2.53
CA GLY B 366 -17.35 17.22 -3.51
C GLY B 366 -17.89 18.64 -3.43
N VAL B 367 -19.22 18.79 -3.37
CA VAL B 367 -19.90 20.12 -3.29
C VAL B 367 -19.43 20.86 -2.03
N GLU B 368 -19.40 20.17 -0.89
CA GLU B 368 -19.05 20.81 0.40
C GLU B 368 -17.60 21.31 0.36
N GLY B 369 -16.70 20.55 -0.30
CA GLY B 369 -15.29 20.96 -0.45
C GLY B 369 -15.17 22.26 -1.25
N VAL B 370 -15.97 22.38 -2.30
CA VAL B 370 -16.02 23.59 -3.18
C VAL B 370 -16.61 24.74 -2.36
N ARG B 371 -17.70 24.48 -1.62
CA ARG B 371 -18.34 25.51 -0.78
C ARG B 371 -17.30 26.07 0.19
N TRP B 372 -16.54 25.19 0.86
CA TRP B 372 -15.58 25.62 1.90
C TRP B 372 -14.51 26.52 1.28
N VAL B 373 -13.96 26.13 0.13
CA VAL B 373 -12.91 26.93 -0.55
C VAL B 373 -13.51 28.30 -0.90
N GLU B 374 -14.69 28.32 -1.49
CA GLU B 374 -15.37 29.58 -1.91
C GLU B 374 -15.55 30.52 -0.70
N ARG B 375 -16.02 30.03 0.44
CA ARG B 375 -16.19 30.87 1.65
C ARG B 375 -14.83 31.38 2.16
N CYS B 376 -13.81 30.51 2.19
CA CYS B 376 -12.45 30.92 2.60
C CYS B 376 -11.94 32.04 1.70
N VAL B 377 -12.09 31.87 0.38
CA VAL B 377 -11.59 32.90 -0.58
C VAL B 377 -12.38 34.19 -0.36
N GLN B 378 -13.68 34.12 -0.12
CA GLN B 378 -14.50 35.35 0.12
C GLN B 378 -14.00 36.07 1.38
N SER B 379 -13.78 35.34 2.48
CA SER B 379 -13.22 35.91 3.74
C SER B 379 -11.83 36.50 3.48
N ALA B 380 -10.94 35.74 2.85
CA ALA B 380 -9.53 36.16 2.66
C ALA B 380 -9.48 37.43 1.81
N ASP B 381 -10.30 37.53 0.76
CA ASP B 381 -10.26 38.68 -0.18
C ASP B 381 -10.78 39.94 0.53
N ARG B 382 -11.56 39.76 1.60
CA ARG B 382 -12.09 40.87 2.46
C ARG B 382 -11.20 41.11 3.68
N GLY B 383 -9.94 40.65 3.67
CA GLY B 383 -8.96 40.90 4.75
C GLY B 383 -9.13 39.95 5.93
N GLY B 384 -9.72 38.78 5.73
CA GLY B 384 -9.77 37.72 6.75
C GLY B 384 -10.81 38.01 7.82
N VAL B 385 -12.01 38.42 7.39
CA VAL B 385 -13.15 38.75 8.29
C VAL B 385 -14.10 37.55 8.36
N TRP B 386 -14.89 37.48 9.43
CA TRP B 386 -15.91 36.43 9.58
C TRP B 386 -16.94 36.55 8.46
N VAL B 387 -17.29 35.42 7.86
CA VAL B 387 -18.39 35.36 6.87
C VAL B 387 -19.33 34.23 7.28
N ASP B 388 -20.60 34.37 6.95
CA ASP B 388 -21.61 33.31 7.18
C ASP B 388 -21.31 32.15 6.24
N TYR B 389 -21.35 30.93 6.74
CA TYR B 389 -20.94 29.75 5.94
C TYR B 389 -22.00 29.43 4.90
N LEU B 390 -23.22 29.23 5.41
CA LEU B 390 -24.41 29.17 4.53
C LEU B 390 -25.07 30.57 4.51
#